data_3L43
#
_entry.id   3L43
#
_cell.length_a   49.286
_cell.length_b   166.500
_cell.length_c   74.985
_cell.angle_alpha   90.00
_cell.angle_beta   109.02
_cell.angle_gamma   90.00
#
_symmetry.space_group_name_H-M   'P 1 21 1'
#
loop_
_entity.id
_entity.type
_entity.pdbx_description
1 polymer Dynamin-3
2 non-polymer "GUANOSINE-5'-DIPHOSPHATE"
3 non-polymer 'UNKNOWN ATOM OR ION'
4 water water
#
_entity_poly.entity_id   1
_entity_poly.type   'polypeptide(L)'
_entity_poly.pdbx_seq_one_letter_code
;MHHHHHHSSGRENLYFQGMEELIPLVNRLQDAFSALGQSCLLELPQIAVVGGQSAGKSSVLENFVGRDFLPRGSGIVTRR
PLVLQLITSKAEYAEFLHCKGKKFTDFDEVRLEIEAETDRVTGMNKGISSIPINLRVYSPHVLNLTLIDLPGITKVPVGD
QPPDIEYQIREMIMQFITRENCLILAVTPANTDLANSDALKLAKEVDPQGLRTIGVITKLDLMDEGTDARDVLENKLLPL
RRGYVGVVNRSQKDIDGKKDIKAAMLAERKFFLSHPAYRHIADRMGTPHLQKVLNQQLTNHIRDTLPNFRNKLQGQLLS
;
_entity_poly.pdbx_strand_id   A,B,C,D
#
# COMPACT_ATOMS: atom_id res chain seq x y z
N GLN A 46 25.79 15.17 23.82
CA GLN A 46 24.57 14.84 23.10
C GLN A 46 24.59 15.29 21.61
N ILE A 47 24.03 14.44 20.72
CA ILE A 47 23.93 14.67 19.26
C ILE A 47 22.43 14.67 18.88
N ALA A 48 21.89 15.85 18.51
CA ALA A 48 20.49 15.99 18.12
C ALA A 48 20.32 15.83 16.62
N VAL A 49 19.39 14.96 16.20
CA VAL A 49 19.08 14.68 14.78
C VAL A 49 17.92 15.59 14.38
N VAL A 50 18.23 16.68 13.66
CA VAL A 50 17.25 17.70 13.24
C VAL A 50 17.08 17.67 11.70
N GLY A 51 15.82 17.73 11.28
CA GLY A 51 15.43 17.77 9.87
C GLY A 51 13.93 17.67 9.66
N GLY A 52 13.51 17.87 8.41
CA GLY A 52 12.10 17.76 8.04
C GLY A 52 11.62 16.33 8.17
N GLN A 53 10.29 16.11 8.18
CA GLN A 53 9.73 14.77 8.29
C GLN A 53 10.15 13.94 7.06
N SER A 54 10.54 12.66 7.30
CA SER A 54 11.00 11.67 6.31
C SER A 54 12.36 12.04 5.68
N ALA A 55 13.16 12.90 6.36
CA ALA A 55 14.50 13.30 5.90
C ALA A 55 15.49 12.10 5.90
N GLY A 56 15.27 11.15 6.80
CA GLY A 56 16.11 9.97 6.96
C GLY A 56 16.80 9.95 8.31
N LYS A 57 16.21 10.62 9.32
CA LYS A 57 16.74 10.76 10.68
C LYS A 57 16.84 9.43 11.43
N SER A 58 15.72 8.65 11.47
CA SER A 58 15.64 7.36 12.16
C SER A 58 16.58 6.34 11.54
N SER A 59 16.72 6.35 10.20
CA SER A 59 17.62 5.47 9.43
C SER A 59 19.08 5.70 9.82
N VAL A 60 19.46 6.99 10.06
CA VAL A 60 20.81 7.38 10.51
C VAL A 60 21.06 6.73 11.89
N LEU A 61 20.13 6.87 12.85
CA LEU A 61 20.23 6.26 14.19
C LEU A 61 20.38 4.74 14.15
N GLU A 62 19.59 4.05 13.29
CA GLU A 62 19.61 2.59 13.13
C GLU A 62 20.94 2.07 12.59
N ASN A 63 21.60 2.84 11.71
CA ASN A 63 22.89 2.51 11.13
C ASN A 63 24.00 2.54 12.21
N PHE A 64 23.84 3.43 13.21
CA PHE A 64 24.74 3.61 14.34
C PHE A 64 24.60 2.46 15.35
N VAL A 65 23.43 1.76 15.36
CA VAL A 65 23.14 0.63 16.25
C VAL A 65 23.57 -0.70 15.56
N GLY A 66 23.21 -0.87 14.29
CA GLY A 66 23.51 -2.07 13.52
C GLY A 66 22.32 -3.01 13.46
N ARG A 67 21.21 -2.61 14.10
CA ARG A 67 19.96 -3.35 14.17
C ARG A 67 18.77 -2.41 13.92
N ASP A 68 17.69 -2.95 13.30
CA ASP A 68 16.44 -2.24 13.02
C ASP A 68 15.65 -2.29 14.32
N PHE A 69 15.19 -1.12 14.81
CA PHE A 69 14.45 -1.02 16.09
C PHE A 69 13.51 0.22 16.15
N LEU A 70 13.49 1.03 15.09
CA LEU A 70 12.66 2.23 15.10
C LEU A 70 11.38 2.09 14.25
N PRO A 71 10.22 2.64 14.72
CA PRO A 71 8.98 2.52 13.93
C PRO A 71 8.95 3.43 12.69
N ARG A 72 8.39 2.90 11.56
CA ARG A 72 8.25 3.57 10.26
C ARG A 72 6.76 3.69 9.89
N VAL A 77 5.41 7.37 12.31
CA VAL A 77 6.48 8.37 12.42
C VAL A 77 6.65 8.84 13.87
N THR A 78 7.89 9.28 14.21
CA THR A 78 8.32 9.77 15.53
C THR A 78 7.42 10.93 16.04
N ARG A 79 6.84 10.74 17.25
CA ARG A 79 5.91 11.67 17.91
C ARG A 79 6.51 12.26 19.21
N ARG A 80 7.50 11.58 19.81
CA ARG A 80 8.15 12.02 21.05
C ARG A 80 9.69 12.02 20.88
N PRO A 81 10.48 12.84 21.64
CA PRO A 81 11.94 12.78 21.48
C PRO A 81 12.53 11.53 22.14
N LEU A 82 13.39 10.80 21.41
CA LEU A 82 14.02 9.59 21.95
C LEU A 82 15.47 9.85 22.27
N VAL A 83 15.83 9.76 23.57
CA VAL A 83 17.21 9.95 24.02
C VAL A 83 17.86 8.57 23.97
N LEU A 84 18.63 8.33 22.91
CA LEU A 84 19.28 7.07 22.63
C LEU A 84 20.74 7.07 23.03
N GLN A 85 21.06 6.44 24.18
CA GLN A 85 22.43 6.30 24.64
C GLN A 85 22.98 4.97 24.16
N LEU A 86 24.09 5.04 23.44
CA LEU A 86 24.78 3.88 22.91
C LEU A 86 26.00 3.64 23.79
N ILE A 87 26.17 2.39 24.25
CA ILE A 87 27.25 2.00 25.15
C ILE A 87 27.95 0.77 24.60
N THR A 88 29.27 0.88 24.35
CA THR A 88 30.08 -0.25 23.87
C THR A 88 30.08 -1.29 25.03
N SER A 89 29.71 -2.55 24.73
CA SER A 89 29.60 -3.62 25.73
C SER A 89 29.78 -4.99 25.10
N LYS A 90 30.21 -6.00 25.88
CA LYS A 90 30.34 -7.36 25.35
C LYS A 90 28.92 -7.92 25.13
N ALA A 91 28.05 -7.75 26.16
CA ALA A 91 26.66 -8.19 26.16
C ALA A 91 25.75 -7.27 25.34
N GLU A 92 25.09 -7.82 24.30
CA GLU A 92 24.18 -7.03 23.46
C GLU A 92 22.74 -7.14 23.97
N TYR A 93 22.21 -6.00 24.47
CA TYR A 93 20.86 -5.85 24.99
C TYR A 93 20.46 -4.37 25.02
N ALA A 94 19.17 -4.09 25.33
CA ALA A 94 18.63 -2.74 25.41
C ALA A 94 17.70 -2.60 26.59
N GLU A 95 17.66 -1.41 27.20
CA GLU A 95 16.76 -1.15 28.34
C GLU A 95 16.24 0.28 28.34
N PHE A 96 14.97 0.42 28.72
CA PHE A 96 14.25 1.70 28.82
C PHE A 96 14.27 2.23 30.26
N LEU A 97 14.28 3.58 30.40
CA LEU A 97 14.30 4.25 31.71
C LEU A 97 13.05 3.90 32.51
N HIS A 98 11.86 4.00 31.87
CA HIS A 98 10.56 3.69 32.46
C HIS A 98 10.36 2.17 32.69
N CYS A 99 11.15 1.32 31.99
CA CYS A 99 11.10 -0.15 32.08
C CYS A 99 12.35 -0.67 32.82
N LYS A 100 12.54 -0.24 34.09
CA LYS A 100 13.67 -0.60 34.97
C LYS A 100 13.75 -2.11 35.26
N GLY A 101 14.95 -2.65 35.18
CA GLY A 101 15.23 -4.07 35.43
C GLY A 101 15.18 -4.95 34.19
N LYS A 102 14.15 -4.73 33.35
CA LYS A 102 13.93 -5.49 32.10
C LYS A 102 14.97 -5.14 31.03
N LYS A 103 15.70 -6.18 30.58
CA LYS A 103 16.69 -6.13 29.50
C LYS A 103 16.03 -6.73 28.24
N PHE A 104 16.24 -6.09 27.07
CA PHE A 104 15.68 -6.52 25.78
C PHE A 104 16.77 -7.05 24.86
N THR A 105 16.68 -8.32 24.43
CA THR A 105 17.64 -8.90 23.49
C THR A 105 17.03 -8.92 22.06
N ASP A 106 15.69 -8.69 21.97
CA ASP A 106 14.93 -8.65 20.71
C ASP A 106 14.64 -7.19 20.37
N PHE A 107 15.18 -6.74 19.23
CA PHE A 107 15.08 -5.34 18.79
C PHE A 107 13.69 -5.00 18.23
N ASP A 108 12.87 -6.02 17.89
CA ASP A 108 11.49 -5.82 17.43
C ASP A 108 10.61 -5.44 18.63
N GLU A 109 10.93 -6.00 19.82
CA GLU A 109 10.26 -5.75 21.10
C GLU A 109 10.64 -4.35 21.63
N VAL A 110 11.84 -3.86 21.27
CA VAL A 110 12.32 -2.49 21.63
C VAL A 110 11.44 -1.49 20.84
N ARG A 111 11.19 -1.80 19.53
CA ARG A 111 10.37 -0.99 18.63
C ARG A 111 8.94 -0.93 19.13
N LEU A 112 8.37 -2.10 19.49
CA LEU A 112 7.01 -2.20 20.02
C LEU A 112 6.88 -1.40 21.32
N GLU A 113 7.93 -1.40 22.18
CA GLU A 113 7.95 -0.62 23.42
C GLU A 113 8.02 0.90 23.13
N ILE A 114 8.76 1.33 22.07
CA ILE A 114 8.85 2.74 21.65
C ILE A 114 7.44 3.15 21.17
N GLU A 115 6.80 2.27 20.37
CA GLU A 115 5.44 2.43 19.83
C GLU A 115 4.40 2.50 20.98
N ALA A 116 4.52 1.60 21.99
CA ALA A 116 3.64 1.53 23.17
C ALA A 116 3.79 2.76 24.05
N GLU A 117 5.03 3.27 24.21
CA GLU A 117 5.30 4.46 25.03
C GLU A 117 4.87 5.76 24.31
N THR A 118 5.00 5.83 22.96
CA THR A 118 4.53 7.02 22.19
C THR A 118 3.02 7.18 22.35
N ASP A 119 2.28 6.03 22.31
CA ASP A 119 0.82 5.97 22.47
C ASP A 119 0.44 5.61 23.91
N ILE A 128 1.56 14.09 19.34
CA ILE A 128 2.95 14.39 19.71
C ILE A 128 3.08 14.84 21.19
N SER A 129 4.28 14.64 21.77
CA SER A 129 4.60 15.03 23.16
C SER A 129 6.06 15.43 23.28
N SER A 130 6.36 16.33 24.25
CA SER A 130 7.70 16.86 24.51
C SER A 130 8.52 16.04 25.53
N ILE A 131 7.85 15.21 26.39
CA ILE A 131 8.57 14.40 27.40
C ILE A 131 9.38 13.29 26.65
N PRO A 132 10.71 13.16 26.94
CA PRO A 132 11.53 12.20 26.18
C PRO A 132 11.49 10.75 26.66
N ILE A 133 11.70 9.81 25.72
CA ILE A 133 11.78 8.38 25.98
C ILE A 133 13.28 8.04 26.06
N ASN A 134 13.74 7.61 27.25
CA ASN A 134 15.15 7.27 27.44
C ASN A 134 15.39 5.82 27.14
N LEU A 135 16.32 5.54 26.22
CA LEU A 135 16.68 4.21 25.77
C LEU A 135 18.20 4.03 25.75
N ARG A 136 18.67 2.94 26.35
CA ARG A 136 20.07 2.58 26.38
C ARG A 136 20.26 1.28 25.66
N VAL A 137 21.15 1.27 24.66
CA VAL A 137 21.49 0.07 23.91
C VAL A 137 22.96 -0.21 24.21
N TYR A 138 23.25 -1.41 24.75
CA TYR A 138 24.60 -1.91 25.04
C TYR A 138 24.94 -2.84 23.89
N SER A 139 26.02 -2.55 23.14
CA SER A 139 26.35 -3.37 21.96
C SER A 139 27.86 -3.36 21.65
N PRO A 140 28.45 -4.51 21.21
CA PRO A 140 29.89 -4.50 20.86
C PRO A 140 30.19 -3.71 19.58
N HIS A 141 29.15 -3.44 18.80
CA HIS A 141 29.21 -2.77 17.51
C HIS A 141 29.02 -1.24 17.56
N VAL A 142 28.62 -0.69 18.73
CA VAL A 142 28.36 0.76 18.86
C VAL A 142 29.54 1.51 19.49
N LEU A 143 29.44 2.85 19.49
CA LEU A 143 30.38 3.79 20.10
C LEU A 143 29.67 4.39 21.31
N ASN A 144 30.40 5.12 22.17
CA ASN A 144 29.81 5.78 23.33
C ASN A 144 29.32 7.15 22.90
N LEU A 145 28.05 7.22 22.48
CA LEU A 145 27.38 8.43 21.96
C LEU A 145 25.93 8.49 22.43
N THR A 146 25.44 9.70 22.70
CA THR A 146 24.06 9.93 23.08
C THR A 146 23.41 10.72 21.96
N LEU A 147 22.45 10.10 21.25
CA LEU A 147 21.75 10.75 20.15
C LEU A 147 20.29 11.01 20.52
N ILE A 148 19.72 12.13 20.02
CA ILE A 148 18.32 12.47 20.28
C ILE A 148 17.51 12.41 18.99
N ASP A 149 16.63 11.39 18.86
CA ASP A 149 15.75 11.27 17.69
C ASP A 149 14.64 12.24 17.94
N LEU A 150 14.59 13.26 17.11
CA LEU A 150 13.59 14.29 17.28
C LEU A 150 12.52 14.17 16.21
N PRO A 151 11.24 14.55 16.50
CA PRO A 151 10.20 14.52 15.45
C PRO A 151 10.55 15.45 14.29
N GLY A 152 10.19 15.05 13.08
CA GLY A 152 10.46 15.84 11.89
C GLY A 152 9.59 17.07 11.76
N ILE A 153 10.22 18.20 11.36
CA ILE A 153 9.55 19.50 11.11
C ILE A 153 8.57 19.30 9.96
N THR A 154 7.34 19.77 10.14
CA THR A 154 6.28 19.74 9.12
C THR A 154 5.79 21.17 8.87
N LYS A 155 4.82 21.36 7.98
CA LYS A 155 4.29 22.69 7.67
C LYS A 155 2.78 22.69 7.78
N VAL A 156 2.15 21.56 7.40
CA VAL A 156 0.69 21.38 7.34
C VAL A 156 0.27 20.21 8.28
N PRO A 157 -0.74 20.39 9.18
CA PRO A 157 -1.13 19.27 10.07
C PRO A 157 -1.92 18.19 9.33
N VAL A 158 -1.60 16.91 9.61
CA VAL A 158 -2.24 15.74 9.00
C VAL A 158 -3.14 15.03 10.05
N GLY A 159 -4.38 14.74 9.66
CA GLY A 159 -5.36 14.07 10.50
C GLY A 159 -5.80 14.88 11.70
N ASP A 160 -5.79 14.24 12.89
CA ASP A 160 -6.20 14.87 14.15
C ASP A 160 -4.99 15.50 14.92
N GLN A 161 -4.03 16.07 14.15
CA GLN A 161 -2.84 16.77 14.65
C GLN A 161 -3.22 18.24 14.93
N PRO A 162 -2.66 18.90 16.00
CA PRO A 162 -2.99 20.31 16.26
C PRO A 162 -2.57 21.26 15.12
N PRO A 163 -3.24 22.43 14.90
CA PRO A 163 -2.81 23.32 13.79
C PRO A 163 -1.44 23.98 13.98
N ASP A 164 -0.98 24.12 15.26
CA ASP A 164 0.31 24.74 15.59
C ASP A 164 1.43 23.67 15.80
N ILE A 165 1.26 22.48 15.17
CA ILE A 165 2.17 21.32 15.22
C ILE A 165 3.63 21.69 14.79
N GLU A 166 3.80 22.56 13.76
CA GLU A 166 5.13 23.01 13.28
C GLU A 166 5.87 23.75 14.39
N TYR A 167 5.16 24.67 15.07
CA TYR A 167 5.70 25.54 16.11
C TYR A 167 5.85 24.79 17.45
N GLN A 168 5.17 23.63 17.61
CA GLN A 168 5.31 22.79 18.79
C GLN A 168 6.55 21.91 18.63
N ILE A 169 6.75 21.35 17.40
CA ILE A 169 7.90 20.51 17.06
C ILE A 169 9.17 21.38 17.08
N ARG A 170 9.08 22.64 16.59
CA ARG A 170 10.18 23.62 16.56
C ARG A 170 10.61 23.91 18.03
N GLU A 171 9.61 24.21 18.90
CA GLU A 171 9.77 24.49 20.35
C GLU A 171 10.44 23.32 21.08
N MET A 172 10.06 22.07 20.71
CA MET A 172 10.55 20.79 21.26
C MET A 172 12.04 20.62 20.91
N ILE A 173 12.40 20.84 19.61
CA ILE A 173 13.76 20.74 19.08
C ILE A 173 14.64 21.82 19.76
N MET A 174 14.11 23.06 19.85
CA MET A 174 14.78 24.22 20.46
C MET A 174 15.24 23.99 21.90
N GLN A 175 14.50 23.17 22.69
CA GLN A 175 14.86 22.83 24.07
C GLN A 175 16.17 22.03 24.09
N PHE A 176 16.40 21.22 23.04
CA PHE A 176 17.59 20.39 22.93
C PHE A 176 18.77 21.13 22.29
N ILE A 177 18.57 21.80 21.14
CA ILE A 177 19.65 22.47 20.38
C ILE A 177 20.11 23.86 20.95
N THR A 178 19.38 24.47 21.91
CA THR A 178 19.83 25.76 22.51
C THR A 178 21.01 25.54 23.47
N ARG A 179 21.18 24.29 23.98
CA ARG A 179 22.26 23.88 24.89
C ARG A 179 23.61 23.87 24.13
N GLU A 180 24.62 24.58 24.66
CA GLU A 180 25.97 24.76 24.07
C GLU A 180 26.74 23.44 23.81
N ASN A 181 26.52 22.42 24.65
CA ASN A 181 27.20 21.12 24.53
C ASN A 181 26.45 20.14 23.57
N CYS A 182 25.31 20.58 23.00
CA CYS A 182 24.53 19.78 22.07
C CYS A 182 25.02 20.01 20.66
N LEU A 183 25.47 18.94 19.99
CA LEU A 183 25.94 18.94 18.63
C LEU A 183 24.73 18.68 17.72
N ILE A 184 24.53 19.56 16.71
CA ILE A 184 23.40 19.50 15.79
C ILE A 184 23.75 18.76 14.51
N LEU A 185 22.97 17.71 14.21
CA LEU A 185 23.07 16.91 13.00
C LEU A 185 21.91 17.39 12.08
N ALA A 186 22.26 18.32 11.14
CA ALA A 186 21.32 18.93 10.20
C ALA A 186 21.09 17.99 9.02
N VAL A 187 20.04 17.18 9.11
CA VAL A 187 19.70 16.16 8.11
C VAL A 187 18.78 16.75 7.03
N THR A 188 19.24 16.68 5.76
CA THR A 188 18.52 17.17 4.57
C THR A 188 18.60 16.12 3.44
N PRO A 189 17.46 15.71 2.84
CA PRO A 189 17.52 14.80 1.68
C PRO A 189 18.17 15.50 0.50
N ALA A 190 18.94 14.76 -0.30
CA ALA A 190 19.62 15.31 -1.48
C ALA A 190 18.67 15.63 -2.61
N ASN A 191 17.51 14.92 -2.66
CA ASN A 191 16.48 15.13 -3.69
C ASN A 191 15.56 16.34 -3.35
N THR A 192 16.00 17.22 -2.42
CA THR A 192 15.36 18.48 -2.08
C THR A 192 16.39 19.61 -2.26
N ASP A 193 15.92 20.85 -2.41
CA ASP A 193 16.82 22.01 -2.54
C ASP A 193 17.40 22.30 -1.14
N LEU A 194 18.75 22.34 -1.02
CA LEU A 194 19.43 22.58 0.26
C LEU A 194 19.09 23.97 0.86
N ALA A 195 18.88 25.01 0.00
CA ALA A 195 18.51 26.35 0.48
C ALA A 195 17.17 26.35 1.24
N ASN A 196 16.33 25.33 0.98
CA ASN A 196 15.02 25.10 1.60
C ASN A 196 15.08 24.21 2.85
N SER A 197 16.29 23.84 3.30
CA SER A 197 16.46 22.97 4.46
C SER A 197 16.01 23.61 5.79
N ASP A 198 14.99 22.98 6.43
CA ASP A 198 14.48 23.39 7.74
C ASP A 198 15.55 23.07 8.82
N ALA A 199 16.37 22.02 8.56
CA ALA A 199 17.49 21.57 9.39
C ALA A 199 18.58 22.67 9.49
N LEU A 200 19.02 23.22 8.34
CA LEU A 200 20.02 24.31 8.29
C LEU A 200 19.50 25.62 8.89
N LYS A 201 18.21 25.96 8.63
CA LYS A 201 17.58 27.19 9.15
C LYS A 201 17.54 27.19 10.69
N LEU A 202 17.17 26.05 11.30
CA LEU A 202 17.12 25.91 12.75
C LEU A 202 18.50 25.88 13.37
N ALA A 203 19.49 25.26 12.68
CA ALA A 203 20.88 25.16 13.14
C ALA A 203 21.59 26.51 13.09
N LYS A 204 21.36 27.33 12.04
CA LYS A 204 21.97 28.67 11.91
C LYS A 204 21.39 29.63 12.94
N GLU A 205 20.11 29.42 13.34
CA GLU A 205 19.40 30.22 14.34
C GLU A 205 20.13 30.18 15.69
N VAL A 206 20.31 28.97 16.27
CA VAL A 206 20.97 28.73 17.57
C VAL A 206 22.50 28.67 17.47
N ASP A 207 23.05 28.30 16.29
CA ASP A 207 24.50 28.18 16.04
C ASP A 207 24.88 28.85 14.68
N PRO A 208 25.05 30.21 14.65
CA PRO A 208 25.35 30.88 13.37
C PRO A 208 26.72 30.53 12.77
N GLN A 209 27.78 30.47 13.60
CA GLN A 209 29.17 30.19 13.19
C GLN A 209 29.41 28.75 12.69
N GLY A 210 28.52 27.82 13.04
CA GLY A 210 28.64 26.42 12.65
C GLY A 210 29.65 25.64 13.49
N LEU A 211 29.90 26.11 14.72
CA LEU A 211 30.84 25.53 15.66
C LEU A 211 30.42 24.12 16.11
N ARG A 212 29.10 23.86 16.13
CA ARG A 212 28.52 22.59 16.55
C ARG A 212 27.46 22.08 15.53
N THR A 213 27.73 22.25 14.23
CA THR A 213 26.81 21.81 13.18
C THR A 213 27.50 20.93 12.14
N ILE A 214 26.97 19.71 11.94
CA ILE A 214 27.44 18.80 10.90
C ILE A 214 26.25 18.57 9.98
N GLY A 215 26.44 18.86 8.70
CA GLY A 215 25.40 18.66 7.70
C GLY A 215 25.34 17.20 7.30
N VAL A 216 24.13 16.65 7.26
CA VAL A 216 23.92 15.27 6.85
C VAL A 216 23.06 15.28 5.60
N ILE A 217 23.57 14.70 4.52
CA ILE A 217 22.88 14.65 3.25
C ILE A 217 22.51 13.20 2.97
N THR A 218 21.20 12.91 3.01
CA THR A 218 20.65 11.58 2.78
C THR A 218 20.07 11.48 1.36
N LYS A 219 19.53 10.29 0.99
CA LYS A 219 18.80 10.02 -0.27
C LYS A 219 19.57 10.44 -1.55
N LEU A 220 20.91 10.27 -1.52
CA LEU A 220 21.81 10.65 -2.62
C LEU A 220 21.61 9.74 -3.82
N ASP A 221 21.05 8.55 -3.60
CA ASP A 221 20.69 7.59 -4.65
C ASP A 221 19.37 8.00 -5.36
N LEU A 222 18.56 8.91 -4.72
CA LEU A 222 17.26 9.37 -5.23
C LEU A 222 17.32 10.69 -6.04
N MET A 223 18.53 11.17 -6.34
CA MET A 223 18.72 12.38 -7.12
C MET A 223 18.32 12.17 -8.59
N ASP A 224 17.75 13.21 -9.21
CA ASP A 224 17.29 13.20 -10.60
C ASP A 224 18.48 13.00 -11.54
N GLU A 225 18.31 12.18 -12.60
CA GLU A 225 19.35 11.95 -13.62
C GLU A 225 19.73 13.30 -14.23
N GLY A 226 21.03 13.57 -14.28
CA GLY A 226 21.57 14.83 -14.78
C GLY A 226 21.94 15.80 -13.67
N THR A 227 21.85 15.33 -12.39
CA THR A 227 22.19 16.12 -11.18
C THR A 227 23.03 15.33 -10.20
N ASP A 228 23.66 16.04 -9.27
CA ASP A 228 24.48 15.55 -8.14
C ASP A 228 24.50 16.62 -7.06
N ALA A 229 25.02 16.29 -5.86
CA ALA A 229 25.16 17.25 -4.76
C ALA A 229 26.64 17.53 -4.46
N ARG A 230 27.50 17.49 -5.51
CA ARG A 230 28.94 17.74 -5.45
C ARG A 230 29.26 19.08 -4.77
N ASP A 231 28.62 20.19 -5.23
CA ASP A 231 28.80 21.56 -4.72
C ASP A 231 28.35 21.70 -3.27
N VAL A 232 27.38 20.88 -2.84
CA VAL A 232 26.89 20.83 -1.46
C VAL A 232 27.94 20.07 -0.59
N LEU A 233 28.31 18.84 -1.02
CA LEU A 233 29.20 17.93 -0.30
C LEU A 233 30.66 18.41 -0.30
N GLU A 234 31.03 19.35 -1.20
CA GLU A 234 32.35 19.96 -1.24
C GLU A 234 32.40 21.21 -0.33
N ASN A 235 31.25 21.53 0.34
CA ASN A 235 31.07 22.66 1.28
C ASN A 235 31.20 24.01 0.54
N LYS A 236 30.62 24.08 -0.68
CA LYS A 236 30.70 25.27 -1.54
C LYS A 236 29.38 26.05 -1.65
N LEU A 237 28.24 25.36 -1.89
CA LEU A 237 26.94 26.02 -2.08
C LEU A 237 26.44 26.73 -0.80
N LEU A 238 26.57 26.06 0.36
CA LEU A 238 26.20 26.62 1.66
C LEU A 238 27.26 26.16 2.66
N PRO A 239 28.40 26.88 2.78
CA PRO A 239 29.48 26.42 3.67
C PRO A 239 29.15 26.34 5.16
N LEU A 240 29.57 25.23 5.79
CA LEU A 240 29.50 24.97 7.22
C LEU A 240 30.93 24.78 7.70
N ARG A 241 31.24 25.21 8.93
CA ARG A 241 32.58 25.06 9.53
C ARG A 241 33.06 23.60 9.52
N ARG A 242 32.15 22.65 9.83
CA ARG A 242 32.44 21.20 9.91
C ARG A 242 32.10 20.45 8.61
N GLY A 243 31.49 21.15 7.66
CA GLY A 243 31.13 20.58 6.37
C GLY A 243 29.95 19.64 6.41
N TYR A 244 29.84 18.81 5.36
CA TYR A 244 28.74 17.87 5.14
C TYR A 244 29.22 16.45 5.00
N VAL A 245 28.42 15.49 5.53
CA VAL A 245 28.71 14.05 5.40
C VAL A 245 27.54 13.40 4.64
N GLY A 246 27.85 12.83 3.48
CA GLY A 246 26.86 12.17 2.65
C GLY A 246 26.62 10.73 3.09
N VAL A 247 25.34 10.35 3.21
CA VAL A 247 24.95 9.01 3.60
C VAL A 247 23.90 8.47 2.62
N VAL A 248 23.84 7.13 2.48
CA VAL A 248 22.88 6.43 1.63
C VAL A 248 22.28 5.28 2.47
N ASN A 249 21.08 5.52 2.98
CA ASN A 249 20.34 4.57 3.80
C ASN A 249 19.49 3.64 2.94
N ARG A 250 18.79 2.70 3.59
CA ARG A 250 17.92 1.74 2.90
C ARG A 250 16.65 2.43 2.41
N SER A 251 16.26 2.11 1.17
CA SER A 251 15.03 2.56 0.52
C SER A 251 13.83 1.90 1.25
N GLN A 252 12.59 2.29 0.92
CA GLN A 252 11.42 1.65 1.54
C GLN A 252 11.38 0.16 1.12
N LYS A 253 11.72 -0.14 -0.15
CA LYS A 253 11.79 -1.48 -0.72
C LYS A 253 12.76 -2.38 0.05
N ASP A 254 13.98 -1.87 0.37
CA ASP A 254 15.03 -2.59 1.11
C ASP A 254 14.57 -2.97 2.52
N ILE A 255 13.81 -2.09 3.20
CA ILE A 255 13.27 -2.31 4.54
C ILE A 255 12.16 -3.40 4.50
N ASP A 256 11.17 -3.26 3.58
CA ASP A 256 10.08 -4.23 3.37
C ASP A 256 10.63 -5.59 2.88
N GLY A 257 11.79 -5.53 2.19
CA GLY A 257 12.51 -6.69 1.68
C GLY A 257 13.43 -7.32 2.70
N LYS A 258 13.45 -6.76 3.94
CA LYS A 258 14.21 -7.18 5.13
C LYS A 258 15.74 -7.21 4.90
N LYS A 259 16.29 -6.19 4.21
CA LYS A 259 17.72 -6.05 3.92
C LYS A 259 18.47 -5.65 5.19
N ASP A 260 19.62 -6.30 5.44
CA ASP A 260 20.53 -6.09 6.57
C ASP A 260 21.10 -4.69 6.57
N ILE A 261 21.58 -4.22 7.77
CA ILE A 261 22.27 -2.94 7.89
C ILE A 261 23.71 -3.16 7.36
N LYS A 262 24.19 -4.44 7.40
CA LYS A 262 25.47 -4.90 6.87
C LYS A 262 25.49 -4.71 5.34
N ALA A 263 24.42 -5.17 4.64
CA ALA A 263 24.25 -5.04 3.19
C ALA A 263 24.04 -3.57 2.77
N ALA A 264 23.47 -2.74 3.67
CA ALA A 264 23.24 -1.31 3.44
C ALA A 264 24.58 -0.55 3.37
N MET A 265 25.47 -0.77 4.35
CA MET A 265 26.79 -0.11 4.44
C MET A 265 27.71 -0.43 3.25
N LEU A 266 27.70 -1.68 2.76
CA LEU A 266 28.54 -2.04 1.61
C LEU A 266 27.98 -1.39 0.32
N ALA A 267 26.64 -1.37 0.13
CA ALA A 267 25.97 -0.71 -1.00
C ALA A 267 26.26 0.81 -0.97
N GLU A 268 26.29 1.41 0.26
CA GLU A 268 26.60 2.82 0.54
C GLU A 268 28.05 3.13 0.14
N ARG A 269 29.02 2.26 0.55
CA ARG A 269 30.45 2.41 0.21
C ARG A 269 30.64 2.26 -1.30
N LYS A 270 29.96 1.28 -1.93
CA LYS A 270 29.98 1.04 -3.38
C LYS A 270 29.46 2.28 -4.15
N PHE A 271 28.33 2.90 -3.67
CA PHE A 271 27.71 4.09 -4.26
C PHE A 271 28.66 5.26 -4.39
N PHE A 272 29.38 5.60 -3.29
CA PHE A 272 30.33 6.72 -3.23
C PHE A 272 31.59 6.47 -4.04
N LEU A 273 32.03 5.20 -4.13
CA LEU A 273 33.21 4.85 -4.91
C LEU A 273 32.89 4.81 -6.41
N SER A 274 31.65 4.37 -6.78
CA SER A 274 31.22 4.27 -8.18
C SER A 274 30.71 5.61 -8.78
N HIS A 275 30.19 6.54 -7.97
CA HIS A 275 29.66 7.82 -8.47
C HIS A 275 30.80 8.75 -8.95
N PRO A 276 30.77 9.18 -10.25
CA PRO A 276 31.86 10.05 -10.77
C PRO A 276 32.02 11.38 -10.07
N ALA A 277 30.91 11.95 -9.55
CA ALA A 277 30.88 13.23 -8.86
C ALA A 277 31.29 13.15 -7.38
N TYR A 278 31.32 11.94 -6.77
CA TYR A 278 31.66 11.78 -5.34
C TYR A 278 32.90 10.92 -5.05
N ARG A 279 33.40 10.16 -6.07
CA ARG A 279 34.58 9.26 -5.98
C ARG A 279 35.82 9.93 -5.33
N HIS A 280 36.14 11.16 -5.75
CA HIS A 280 37.29 11.95 -5.27
C HIS A 280 37.20 12.36 -3.78
N ILE A 281 35.99 12.25 -3.15
CA ILE A 281 35.76 12.60 -1.74
C ILE A 281 35.10 11.42 -0.96
N ALA A 282 35.11 10.20 -1.52
CA ALA A 282 34.49 8.97 -0.97
C ALA A 282 34.87 8.61 0.49
N ASP A 283 36.10 8.98 0.95
CA ASP A 283 36.59 8.67 2.31
C ASP A 283 36.10 9.68 3.37
N ARG A 284 35.45 10.78 2.91
CA ARG A 284 34.84 11.84 3.69
C ARG A 284 33.32 11.58 3.73
N MET A 285 32.89 10.49 3.08
CA MET A 285 31.47 10.11 2.91
C MET A 285 31.16 8.76 3.54
N GLY A 286 29.86 8.50 3.72
CA GLY A 286 29.35 7.26 4.28
C GLY A 286 29.11 7.37 5.76
N THR A 287 28.21 6.51 6.27
CA THR A 287 27.83 6.45 7.69
C THR A 287 29.03 6.10 8.61
N PRO A 288 29.96 5.12 8.28
CA PRO A 288 31.11 4.88 9.19
C PRO A 288 31.95 6.15 9.43
N HIS A 289 32.19 6.98 8.37
CA HIS A 289 32.92 8.24 8.49
C HIS A 289 32.15 9.25 9.39
N LEU A 290 30.80 9.26 9.31
CA LEU A 290 29.97 10.14 10.16
C LEU A 290 30.10 9.73 11.65
N GLN A 291 30.08 8.40 11.92
CA GLN A 291 30.28 7.83 13.26
C GLN A 291 31.66 8.21 13.79
N LYS A 292 32.69 8.16 12.91
CA LYS A 292 34.09 8.50 13.20
C LYS A 292 34.22 9.98 13.63
N VAL A 293 33.64 10.92 12.84
CA VAL A 293 33.66 12.37 13.08
C VAL A 293 32.95 12.70 14.41
N LEU A 294 31.80 12.04 14.70
CA LEU A 294 31.07 12.26 15.96
C LEU A 294 31.88 11.71 17.14
N ASN A 295 32.64 10.61 16.93
CA ASN A 295 33.47 10.00 17.96
C ASN A 295 34.74 10.81 18.21
N GLN A 296 35.41 11.29 17.13
CA GLN A 296 36.65 12.09 17.17
C GLN A 296 36.52 13.39 18.01
N GLN A 297 35.30 13.95 18.13
CA GLN A 297 35.03 15.16 18.91
C GLN A 297 34.96 14.85 20.40
N LEU A 298 34.17 13.80 20.77
CA LEU A 298 33.99 13.38 22.17
C LEU A 298 35.22 12.69 22.74
N THR A 299 36.06 12.08 21.87
CA THR A 299 37.26 11.34 22.24
C THR A 299 38.52 12.24 22.09
N PRO B 45 -22.44 -18.77 -28.89
CA PRO B 45 -22.12 -19.24 -27.55
C PRO B 45 -21.20 -18.30 -26.78
N GLN B 46 -21.58 -18.01 -25.53
CA GLN B 46 -20.83 -17.14 -24.61
C GLN B 46 -20.22 -17.98 -23.49
N ILE B 47 -19.11 -17.49 -22.90
CA ILE B 47 -18.42 -18.14 -21.79
C ILE B 47 -18.43 -17.18 -20.58
N ALA B 48 -19.32 -17.45 -19.60
CA ALA B 48 -19.46 -16.64 -18.39
C ALA B 48 -18.38 -16.99 -17.37
N VAL B 49 -17.69 -15.98 -16.82
CA VAL B 49 -16.63 -16.17 -15.82
C VAL B 49 -17.24 -15.88 -14.44
N VAL B 50 -17.50 -16.95 -13.68
CA VAL B 50 -18.23 -16.90 -12.41
C VAL B 50 -17.35 -17.34 -11.24
N GLY B 51 -17.39 -16.57 -10.16
CA GLY B 51 -16.67 -16.83 -8.92
C GLY B 51 -16.85 -15.74 -7.89
N GLY B 52 -16.20 -15.90 -6.74
CA GLY B 52 -16.21 -14.93 -5.66
C GLY B 52 -15.35 -13.74 -6.03
N GLN B 53 -15.41 -12.65 -5.23
CA GLN B 53 -14.57 -11.47 -5.50
C GLN B 53 -13.11 -11.84 -5.25
N SER B 54 -12.20 -11.34 -6.12
CA SER B 54 -10.76 -11.58 -6.14
C SER B 54 -10.41 -13.09 -6.27
N ALA B 55 -11.25 -13.86 -7.01
CA ALA B 55 -11.03 -15.30 -7.23
C ALA B 55 -9.98 -15.60 -8.33
N GLY B 56 -9.63 -14.57 -9.14
CA GLY B 56 -8.68 -14.65 -10.24
C GLY B 56 -9.34 -14.72 -11.60
N LYS B 57 -10.61 -14.23 -11.70
CA LYS B 57 -11.46 -14.23 -12.90
C LYS B 57 -10.88 -13.37 -14.03
N SER B 58 -10.55 -12.09 -13.73
CA SER B 58 -9.98 -11.13 -14.71
C SER B 58 -8.61 -11.56 -15.20
N SER B 59 -7.86 -12.29 -14.33
CA SER B 59 -6.53 -12.82 -14.66
C SER B 59 -6.64 -13.84 -15.81
N VAL B 60 -7.68 -14.71 -15.78
CA VAL B 60 -7.99 -15.71 -16.81
C VAL B 60 -8.20 -14.99 -18.18
N LEU B 61 -9.00 -13.88 -18.19
CA LEU B 61 -9.31 -13.10 -19.38
C LEU B 61 -8.08 -12.50 -20.05
N GLU B 62 -7.15 -11.91 -19.25
CA GLU B 62 -5.91 -11.28 -19.74
C GLU B 62 -4.94 -12.30 -20.36
N ASN B 63 -4.90 -13.54 -19.81
CA ASN B 63 -4.04 -14.62 -20.34
C ASN B 63 -4.57 -15.06 -21.71
N PHE B 64 -5.90 -15.06 -21.89
CA PHE B 64 -6.59 -15.41 -23.13
C PHE B 64 -6.32 -14.37 -24.21
N VAL B 65 -6.20 -13.09 -23.80
CA VAL B 65 -5.91 -11.95 -24.67
C VAL B 65 -4.38 -11.90 -24.96
N GLY B 66 -3.57 -12.16 -23.94
CA GLY B 66 -2.12 -12.15 -24.04
C GLY B 66 -1.50 -10.79 -23.70
N ARG B 67 -2.35 -9.84 -23.25
CA ARG B 67 -1.93 -8.48 -22.87
C ARG B 67 -2.70 -8.02 -21.61
N ASP B 68 -2.08 -7.12 -20.79
CA ASP B 68 -2.72 -6.54 -19.61
C ASP B 68 -3.66 -5.43 -20.12
N PHE B 69 -4.91 -5.38 -19.62
CA PHE B 69 -5.92 -4.38 -20.06
C PHE B 69 -7.10 -4.21 -19.07
N LEU B 70 -7.12 -4.95 -17.97
CA LEU B 70 -8.22 -4.88 -17.00
C LEU B 70 -7.82 -4.14 -15.69
N PRO B 71 -8.75 -3.34 -15.11
CA PRO B 71 -8.43 -2.56 -13.89
C PRO B 71 -8.14 -3.39 -12.63
N ARG B 72 -7.19 -2.89 -11.78
CA ARG B 72 -6.77 -3.47 -10.49
C ARG B 72 -6.45 -2.38 -9.47
N VAL B 77 -12.38 -3.06 -8.32
CA VAL B 77 -12.89 -4.37 -8.74
C VAL B 77 -13.95 -4.23 -9.85
N THR B 78 -14.29 -5.36 -10.54
CA THR B 78 -15.31 -5.41 -11.60
C THR B 78 -16.68 -5.07 -11.01
N ARG B 79 -17.35 -4.04 -11.58
CA ARG B 79 -18.66 -3.55 -11.11
C ARG B 79 -19.76 -3.69 -12.18
N ARG B 80 -19.39 -3.72 -13.45
CA ARG B 80 -20.30 -3.86 -14.59
C ARG B 80 -19.90 -5.09 -15.40
N PRO B 81 -20.86 -5.84 -16.03
CA PRO B 81 -20.46 -6.98 -16.87
C PRO B 81 -19.69 -6.50 -18.10
N LEU B 82 -18.66 -7.24 -18.51
CA LEU B 82 -17.86 -6.91 -19.69
C LEU B 82 -18.02 -8.04 -20.70
N VAL B 83 -18.66 -7.73 -21.84
CA VAL B 83 -18.84 -8.69 -22.94
C VAL B 83 -17.60 -8.55 -23.80
N LEU B 84 -16.65 -9.49 -23.63
CA LEU B 84 -15.37 -9.50 -24.32
C LEU B 84 -15.37 -10.48 -25.49
N GLN B 85 -15.47 -9.93 -26.72
CA GLN B 85 -15.46 -10.70 -27.95
C GLN B 85 -14.05 -10.77 -28.53
N LEU B 86 -13.40 -11.93 -28.38
CA LEU B 86 -12.07 -12.19 -28.89
C LEU B 86 -12.17 -12.60 -30.35
N ILE B 87 -11.39 -11.95 -31.22
CA ILE B 87 -11.43 -12.20 -32.66
C ILE B 87 -10.02 -12.45 -33.21
N THR B 88 -9.81 -13.62 -33.88
CA THR B 88 -8.53 -13.94 -34.51
C THR B 88 -8.40 -12.97 -35.71
N SER B 89 -7.26 -12.25 -35.81
CA SER B 89 -6.98 -11.23 -36.84
C SER B 89 -5.50 -10.92 -36.85
N LYS B 90 -4.88 -10.73 -38.03
CA LYS B 90 -3.45 -10.39 -38.12
C LYS B 90 -3.13 -9.04 -37.43
N ALA B 91 -4.08 -8.07 -37.50
CA ALA B 91 -3.98 -6.74 -36.88
C ALA B 91 -4.42 -6.73 -35.39
N GLU B 92 -3.47 -6.40 -34.48
CA GLU B 92 -3.74 -6.35 -33.04
C GLU B 92 -4.30 -4.97 -32.64
N TYR B 93 -5.63 -4.93 -32.34
CA TYR B 93 -6.34 -3.73 -31.92
C TYR B 93 -7.63 -4.08 -31.17
N ALA B 94 -8.17 -3.10 -30.43
CA ALA B 94 -9.42 -3.26 -29.68
C ALA B 94 -10.43 -2.22 -30.08
N GLU B 95 -11.73 -2.58 -30.03
CA GLU B 95 -12.81 -1.66 -30.39
C GLU B 95 -13.99 -1.76 -29.42
N PHE B 96 -14.42 -0.60 -28.90
CA PHE B 96 -15.55 -0.49 -27.98
C PHE B 96 -16.85 -0.20 -28.76
N LEU B 97 -18.00 -0.76 -28.30
CA LEU B 97 -19.30 -0.59 -28.95
C LEU B 97 -19.83 0.84 -28.78
N HIS B 98 -19.75 1.37 -27.54
CA HIS B 98 -20.18 2.73 -27.18
C HIS B 98 -19.35 3.81 -27.90
N CYS B 99 -18.14 3.45 -28.37
CA CYS B 99 -17.22 4.35 -29.06
C CYS B 99 -16.97 3.87 -30.50
N LYS B 100 -17.96 4.08 -31.38
CA LYS B 100 -17.98 3.68 -32.79
C LYS B 100 -16.86 4.32 -33.62
N GLY B 101 -16.21 3.49 -34.44
CA GLY B 101 -15.14 3.91 -35.34
C GLY B 101 -13.76 4.10 -34.75
N LYS B 102 -13.63 3.98 -33.41
CA LYS B 102 -12.33 4.14 -32.73
C LYS B 102 -11.62 2.81 -32.53
N LYS B 103 -10.35 2.76 -33.00
CA LYS B 103 -9.45 1.61 -32.88
C LYS B 103 -8.42 1.89 -31.79
N PHE B 104 -8.16 0.90 -30.93
CA PHE B 104 -7.20 1.02 -29.82
C PHE B 104 -6.02 0.10 -30.01
N THR B 105 -4.81 0.63 -29.94
CA THR B 105 -3.57 -0.15 -30.06
C THR B 105 -2.84 -0.20 -28.71
N ASP B 106 -3.12 0.79 -27.82
CA ASP B 106 -2.54 0.87 -26.47
C ASP B 106 -3.58 0.28 -25.51
N PHE B 107 -3.25 -0.88 -24.92
CA PHE B 107 -4.13 -1.63 -24.04
C PHE B 107 -4.29 -0.99 -22.66
N ASP B 108 -3.40 -0.01 -22.32
CA ASP B 108 -3.47 0.79 -21.09
C ASP B 108 -4.63 1.80 -21.23
N GLU B 109 -4.90 2.26 -22.47
CA GLU B 109 -5.98 3.17 -22.83
C GLU B 109 -7.33 2.42 -22.86
N VAL B 110 -7.31 1.11 -23.24
CA VAL B 110 -8.48 0.21 -23.24
C VAL B 110 -8.94 0.10 -21.77
N ARG B 111 -7.96 -0.13 -20.85
CA ARG B 111 -8.16 -0.24 -19.41
C ARG B 111 -8.79 1.03 -18.84
N LEU B 112 -8.25 2.21 -19.22
CA LEU B 112 -8.77 3.51 -18.79
C LEU B 112 -10.20 3.73 -19.34
N GLU B 113 -10.51 3.20 -20.55
CA GLU B 113 -11.85 3.33 -21.14
C GLU B 113 -12.88 2.49 -20.36
N ILE B 114 -12.52 1.25 -19.91
CA ILE B 114 -13.40 0.39 -19.10
C ILE B 114 -13.71 1.14 -17.79
N GLU B 115 -12.65 1.66 -17.12
CA GLU B 115 -12.70 2.44 -15.87
C GLU B 115 -13.60 3.67 -16.02
N ALA B 116 -13.47 4.43 -17.15
CA ALA B 116 -14.26 5.62 -17.45
C ALA B 116 -15.74 5.28 -17.66
N GLU B 117 -16.01 4.23 -18.48
CA GLU B 117 -17.36 3.74 -18.81
C GLU B 117 -18.09 3.14 -17.58
N THR B 118 -17.33 2.51 -16.64
CA THR B 118 -17.93 1.95 -15.41
C THR B 118 -18.40 3.05 -14.47
N ASP B 119 -17.57 4.10 -14.27
CA ASP B 119 -17.88 5.22 -13.37
C ASP B 119 -19.00 6.13 -13.90
N ARG B 120 -19.23 6.14 -15.24
CA ARG B 120 -20.31 6.92 -15.86
C ARG B 120 -21.66 6.36 -15.40
N VAL B 121 -21.78 5.01 -15.39
CA VAL B 121 -22.99 4.29 -14.97
C VAL B 121 -23.05 4.14 -13.44
N THR B 122 -21.87 4.05 -12.77
CA THR B 122 -21.75 3.88 -11.31
C THR B 122 -20.96 5.04 -10.71
N ILE B 128 -22.36 -0.59 -8.80
CA ILE B 128 -22.61 -1.68 -9.75
C ILE B 128 -23.76 -1.33 -10.72
N SER B 129 -23.84 -2.06 -11.86
CA SER B 129 -24.86 -1.88 -12.91
C SER B 129 -25.01 -3.17 -13.75
N SER B 130 -26.22 -3.45 -14.25
CA SER B 130 -26.50 -4.63 -15.07
C SER B 130 -26.14 -4.42 -16.55
N ILE B 131 -26.08 -3.14 -17.00
CA ILE B 131 -25.75 -2.76 -18.38
C ILE B 131 -24.32 -3.25 -18.75
N PRO B 132 -24.16 -4.05 -19.84
CA PRO B 132 -22.83 -4.57 -20.19
C PRO B 132 -21.98 -3.63 -21.06
N ILE B 133 -20.64 -3.78 -20.95
CA ILE B 133 -19.65 -3.04 -21.75
C ILE B 133 -19.21 -4.02 -22.84
N ASN B 134 -19.43 -3.65 -24.11
CA ASN B 134 -19.05 -4.51 -25.22
C ASN B 134 -17.68 -4.12 -25.77
N LEU B 135 -16.72 -5.03 -25.60
CA LEU B 135 -15.36 -4.82 -26.04
C LEU B 135 -14.94 -5.92 -26.99
N ARG B 136 -14.43 -5.52 -28.16
CA ARG B 136 -13.94 -6.41 -29.20
C ARG B 136 -12.43 -6.35 -29.21
N VAL B 137 -11.76 -7.51 -29.09
CA VAL B 137 -10.30 -7.57 -29.13
C VAL B 137 -9.87 -8.47 -30.28
N TYR B 138 -9.28 -7.83 -31.33
CA TYR B 138 -8.76 -8.48 -32.54
C TYR B 138 -7.30 -8.72 -32.32
N SER B 139 -6.89 -9.99 -32.28
CA SER B 139 -5.48 -10.36 -32.05
C SER B 139 -5.10 -11.65 -32.79
N PRO B 140 -3.83 -11.77 -33.30
CA PRO B 140 -3.43 -13.03 -33.94
C PRO B 140 -3.07 -14.12 -32.93
N HIS B 141 -3.17 -13.78 -31.62
CA HIS B 141 -2.85 -14.66 -30.49
C HIS B 141 -4.10 -15.21 -29.80
N VAL B 142 -5.28 -14.68 -30.16
CA VAL B 142 -6.55 -15.07 -29.54
C VAL B 142 -7.39 -15.97 -30.46
N LEU B 143 -8.30 -16.73 -29.84
CA LEU B 143 -9.25 -17.61 -30.53
C LEU B 143 -10.57 -16.86 -30.70
N ASN B 144 -11.56 -17.47 -31.37
CA ASN B 144 -12.86 -16.83 -31.55
C ASN B 144 -13.79 -17.27 -30.43
N LEU B 145 -13.78 -16.48 -29.33
CA LEU B 145 -14.52 -16.73 -28.11
C LEU B 145 -15.15 -15.45 -27.58
N THR B 146 -16.34 -15.58 -26.97
CA THR B 146 -17.04 -14.48 -26.31
C THR B 146 -16.98 -14.78 -24.82
N LEU B 147 -16.37 -13.88 -24.04
CA LEU B 147 -16.24 -14.06 -22.59
C LEU B 147 -16.96 -12.99 -21.81
N ILE B 148 -17.63 -13.38 -20.73
CA ILE B 148 -18.34 -12.41 -19.90
C ILE B 148 -17.64 -12.30 -18.54
N ASP B 149 -16.89 -11.21 -18.35
CA ASP B 149 -16.26 -10.97 -17.06
C ASP B 149 -17.33 -10.37 -16.20
N LEU B 150 -17.86 -11.19 -15.31
CA LEU B 150 -18.94 -10.81 -14.42
C LEU B 150 -18.39 -10.38 -13.07
N PRO B 151 -18.99 -9.34 -12.41
CA PRO B 151 -18.51 -8.95 -11.07
C PRO B 151 -18.55 -10.12 -10.08
N GLY B 152 -17.61 -10.12 -9.13
CA GLY B 152 -17.48 -11.18 -8.16
C GLY B 152 -18.44 -11.11 -6.99
N ILE B 153 -18.99 -12.28 -6.62
CA ILE B 153 -19.92 -12.49 -5.50
C ILE B 153 -19.24 -12.02 -4.20
N THR B 154 -20.00 -11.31 -3.35
CA THR B 154 -19.58 -10.79 -2.05
C THR B 154 -20.65 -11.13 -1.03
N LYS B 155 -20.31 -11.13 0.25
CA LYS B 155 -21.26 -11.46 1.33
C LYS B 155 -21.57 -10.28 2.22
N VAL B 156 -20.61 -9.32 2.34
CA VAL B 156 -20.70 -8.12 3.19
C VAL B 156 -20.50 -6.84 2.33
N PRO B 157 -21.44 -5.85 2.40
CA PRO B 157 -21.27 -4.62 1.60
C PRO B 157 -20.17 -3.70 2.11
N VAL B 158 -19.40 -3.08 1.19
CA VAL B 158 -18.27 -2.20 1.50
C VAL B 158 -18.53 -0.76 0.99
N GLY B 159 -18.43 0.21 1.91
CA GLY B 159 -18.59 1.64 1.67
C GLY B 159 -19.91 2.05 1.05
N ASP B 160 -19.83 2.72 -0.13
CA ASP B 160 -20.97 3.22 -0.91
C ASP B 160 -21.70 2.12 -1.72
N GLN B 161 -21.68 0.86 -1.20
CA GLN B 161 -22.34 -0.28 -1.83
C GLN B 161 -23.72 -0.50 -1.20
N PRO B 162 -24.77 -0.76 -2.03
CA PRO B 162 -26.12 -1.00 -1.48
C PRO B 162 -26.16 -2.29 -0.65
N PRO B 163 -26.99 -2.38 0.44
CA PRO B 163 -27.00 -3.59 1.29
C PRO B 163 -27.33 -4.91 0.58
N ASP B 164 -28.08 -4.84 -0.54
CA ASP B 164 -28.48 -6.00 -1.33
C ASP B 164 -27.41 -6.32 -2.45
N ILE B 165 -26.11 -6.04 -2.16
CA ILE B 165 -24.98 -6.24 -3.06
C ILE B 165 -24.83 -7.72 -3.53
N GLU B 166 -24.98 -8.72 -2.61
CA GLU B 166 -24.87 -10.15 -2.96
C GLU B 166 -25.95 -10.55 -3.96
N TYR B 167 -27.25 -10.33 -3.61
CA TYR B 167 -28.42 -10.65 -4.43
C TYR B 167 -28.41 -9.94 -5.80
N GLN B 168 -27.93 -8.68 -5.85
CA GLN B 168 -27.83 -7.89 -7.09
C GLN B 168 -26.75 -8.44 -8.02
N ILE B 169 -25.59 -8.86 -7.46
CA ILE B 169 -24.50 -9.48 -8.23
C ILE B 169 -24.98 -10.87 -8.70
N ARG B 170 -25.75 -11.57 -7.84
CA ARG B 170 -26.33 -12.88 -8.12
C ARG B 170 -27.29 -12.81 -9.34
N GLU B 171 -28.25 -11.84 -9.36
CA GLU B 171 -29.23 -11.64 -10.45
C GLU B 171 -28.55 -11.32 -11.78
N MET B 172 -27.47 -10.50 -11.73
CA MET B 172 -26.62 -10.08 -12.84
C MET B 172 -25.97 -11.30 -13.52
N ILE B 173 -25.43 -12.25 -12.70
CA ILE B 173 -24.79 -13.48 -13.17
C ILE B 173 -25.87 -14.41 -13.76
N MET B 174 -27.01 -14.55 -13.05
CA MET B 174 -28.15 -15.38 -13.45
C MET B 174 -28.64 -15.02 -14.86
N GLN B 175 -28.78 -13.71 -15.16
CA GLN B 175 -29.21 -13.18 -16.47
C GLN B 175 -28.46 -13.83 -17.64
N PHE B 176 -27.16 -14.15 -17.42
CA PHE B 176 -26.30 -14.81 -18.39
C PHE B 176 -26.31 -16.34 -18.24
N ILE B 177 -26.06 -16.86 -17.00
CA ILE B 177 -25.96 -18.31 -16.75
C ILE B 177 -27.30 -19.09 -16.86
N THR B 178 -28.47 -18.39 -16.91
CA THR B 178 -29.76 -19.09 -17.10
C THR B 178 -29.92 -19.53 -18.56
N ARG B 179 -29.18 -18.90 -19.51
CA ARG B 179 -29.23 -19.22 -20.93
C ARG B 179 -28.48 -20.55 -21.14
N GLU B 180 -29.16 -21.55 -21.75
CA GLU B 180 -28.58 -22.89 -21.99
C GLU B 180 -27.49 -22.89 -23.07
N ASN B 181 -27.36 -21.79 -23.83
CA ASN B 181 -26.32 -21.63 -24.85
C ASN B 181 -25.16 -20.75 -24.29
N CYS B 182 -24.91 -20.85 -22.95
CA CYS B 182 -23.87 -20.12 -22.19
C CYS B 182 -23.03 -21.09 -21.35
N LEU B 183 -21.71 -21.12 -21.61
CA LEU B 183 -20.76 -21.96 -20.89
C LEU B 183 -20.37 -21.29 -19.57
N ILE B 184 -20.42 -22.07 -18.45
CA ILE B 184 -20.09 -21.58 -17.11
C ILE B 184 -18.67 -21.96 -16.72
N LEU B 185 -17.84 -20.94 -16.52
CA LEU B 185 -16.46 -21.09 -16.08
C LEU B 185 -16.43 -20.74 -14.57
N ALA B 186 -16.70 -21.78 -13.73
CA ALA B 186 -16.75 -21.69 -12.27
C ALA B 186 -15.33 -21.59 -11.71
N VAL B 187 -14.91 -20.35 -11.37
CA VAL B 187 -13.57 -20.06 -10.86
C VAL B 187 -13.55 -20.11 -9.33
N THR B 188 -12.62 -20.92 -8.77
CA THR B 188 -12.44 -21.07 -7.32
C THR B 188 -10.96 -21.03 -6.95
N PRO B 189 -10.51 -20.12 -6.05
CA PRO B 189 -9.10 -20.14 -5.63
C PRO B 189 -8.77 -21.40 -4.83
N ALA B 190 -7.61 -22.01 -5.10
CA ALA B 190 -7.14 -23.25 -4.43
C ALA B 190 -6.87 -23.06 -2.94
N ASN B 191 -6.61 -21.81 -2.50
CA ASN B 191 -6.34 -21.51 -1.09
C ASN B 191 -7.66 -21.33 -0.24
N THR B 192 -8.81 -21.72 -0.83
CA THR B 192 -10.13 -21.77 -0.19
C THR B 192 -10.67 -23.21 -0.38
N ASP B 193 -11.54 -23.66 0.54
CA ASP B 193 -12.20 -24.97 0.51
C ASP B 193 -13.18 -25.00 -0.68
N LEU B 194 -13.13 -26.08 -1.48
CA LEU B 194 -14.01 -26.22 -2.65
C LEU B 194 -15.50 -26.31 -2.27
N ALA B 195 -15.81 -26.83 -1.06
CA ALA B 195 -17.17 -26.93 -0.53
C ALA B 195 -17.81 -25.54 -0.36
N ASN B 196 -16.99 -24.52 -0.05
CA ASN B 196 -17.40 -23.12 0.15
C ASN B 196 -17.46 -22.32 -1.16
N SER B 197 -17.37 -23.00 -2.33
CA SER B 197 -17.36 -22.30 -3.62
C SER B 197 -18.71 -21.72 -4.02
N ASP B 198 -18.72 -20.40 -4.23
CA ASP B 198 -19.86 -19.65 -4.70
C ASP B 198 -20.07 -19.97 -6.18
N ALA B 199 -18.96 -20.03 -6.95
CA ALA B 199 -18.94 -20.33 -8.38
C ALA B 199 -19.69 -21.64 -8.66
N LEU B 200 -19.34 -22.70 -7.91
CA LEU B 200 -19.95 -24.03 -8.01
C LEU B 200 -21.40 -24.06 -7.59
N LYS B 201 -21.78 -23.26 -6.55
CA LYS B 201 -23.14 -23.17 -6.02
C LYS B 201 -24.13 -22.65 -7.09
N LEU B 202 -23.79 -21.55 -7.80
CA LEU B 202 -24.63 -20.95 -8.85
C LEU B 202 -24.65 -21.79 -10.13
N ALA B 203 -23.53 -22.46 -10.45
CA ALA B 203 -23.44 -23.34 -11.63
C ALA B 203 -24.33 -24.59 -11.46
N LYS B 204 -24.50 -25.06 -10.20
CA LYS B 204 -25.33 -26.22 -9.85
C LYS B 204 -26.82 -25.83 -9.88
N GLU B 205 -27.13 -24.55 -9.60
CA GLU B 205 -28.51 -24.02 -9.58
C GLU B 205 -29.13 -23.93 -10.98
N VAL B 206 -28.33 -23.57 -12.00
CA VAL B 206 -28.81 -23.42 -13.38
C VAL B 206 -28.51 -24.65 -14.23
N ASP B 207 -27.39 -25.33 -13.93
CA ASP B 207 -26.92 -26.52 -14.63
C ASP B 207 -26.63 -27.67 -13.62
N PRO B 208 -27.67 -28.38 -13.13
CA PRO B 208 -27.45 -29.46 -12.15
C PRO B 208 -26.75 -30.72 -12.71
N GLN B 209 -26.71 -30.88 -14.04
CA GLN B 209 -26.09 -32.05 -14.69
C GLN B 209 -24.62 -31.82 -15.07
N GLY B 210 -24.17 -30.55 -15.00
CA GLY B 210 -22.80 -30.17 -15.35
C GLY B 210 -22.53 -30.27 -16.84
N LEU B 211 -23.59 -30.14 -17.67
CA LEU B 211 -23.52 -30.21 -19.14
C LEU B 211 -22.72 -29.05 -19.75
N ARG B 212 -22.70 -27.88 -19.05
CA ARG B 212 -22.03 -26.66 -19.52
C ARG B 212 -21.27 -25.94 -18.38
N THR B 213 -20.58 -26.72 -17.52
CA THR B 213 -19.78 -26.22 -16.40
C THR B 213 -18.35 -26.77 -16.43
N ILE B 214 -17.35 -25.87 -16.47
CA ILE B 214 -15.94 -26.24 -16.43
C ILE B 214 -15.36 -25.63 -15.16
N GLY B 215 -14.78 -26.47 -14.30
CA GLY B 215 -14.16 -26.05 -13.06
C GLY B 215 -12.82 -25.41 -13.31
N VAL B 216 -12.55 -24.25 -12.67
CA VAL B 216 -11.29 -23.52 -12.80
C VAL B 216 -10.72 -23.26 -11.42
N ILE B 217 -9.53 -23.83 -11.14
CA ILE B 217 -8.85 -23.69 -9.87
C ILE B 217 -7.63 -22.78 -10.03
N THR B 218 -7.71 -21.58 -9.47
CA THR B 218 -6.62 -20.59 -9.51
C THR B 218 -5.87 -20.63 -8.19
N LYS B 219 -4.81 -19.80 -8.08
CA LYS B 219 -3.97 -19.60 -6.88
C LYS B 219 -3.40 -20.92 -6.32
N LEU B 220 -3.13 -21.92 -7.21
CA LEU B 220 -2.57 -23.21 -6.79
C LEU B 220 -1.15 -23.03 -6.20
N ASP B 221 -0.50 -21.91 -6.51
CA ASP B 221 0.80 -21.57 -5.96
C ASP B 221 0.70 -21.01 -4.53
N LEU B 222 -0.52 -20.57 -4.10
CA LEU B 222 -0.73 -19.97 -2.78
C LEU B 222 -1.22 -20.94 -1.72
N MET B 223 -1.28 -22.24 -2.07
CA MET B 223 -1.73 -23.30 -1.19
C MET B 223 -0.80 -23.46 0.00
N ASP B 224 -1.38 -23.78 1.18
CA ASP B 224 -0.65 -24.00 2.42
C ASP B 224 0.30 -25.22 2.25
N GLU B 225 1.55 -25.12 2.76
CA GLU B 225 2.54 -26.19 2.68
C GLU B 225 1.99 -27.43 3.42
N GLY B 226 2.14 -28.59 2.80
CA GLY B 226 1.63 -29.85 3.35
C GLY B 226 0.25 -30.20 2.85
N THR B 227 -0.24 -29.44 1.82
CA THR B 227 -1.55 -29.61 1.16
C THR B 227 -1.39 -29.40 -0.35
N ASP B 228 -2.38 -29.87 -1.11
CA ASP B 228 -2.52 -29.78 -2.57
C ASP B 228 -3.99 -29.98 -2.96
N ALA B 229 -4.36 -29.61 -4.21
CA ALA B 229 -5.73 -29.78 -4.69
C ALA B 229 -5.83 -30.93 -5.70
N ARG B 230 -5.05 -31.99 -5.46
CA ARG B 230 -5.00 -33.19 -6.31
C ARG B 230 -6.36 -33.86 -6.42
N ASP B 231 -7.05 -34.10 -5.26
CA ASP B 231 -8.39 -34.72 -5.19
C ASP B 231 -9.44 -33.92 -5.96
N VAL B 232 -9.27 -32.58 -5.99
CA VAL B 232 -10.15 -31.63 -6.71
C VAL B 232 -9.90 -31.77 -8.22
N LEU B 233 -8.62 -31.60 -8.63
CA LEU B 233 -8.16 -31.63 -10.03
C LEU B 233 -8.27 -33.03 -10.68
N GLU B 234 -8.41 -34.10 -9.88
CA GLU B 234 -8.59 -35.48 -10.37
C GLU B 234 -10.10 -35.81 -10.54
N ASN B 235 -11.00 -34.84 -10.19
CA ASN B 235 -12.47 -34.92 -10.28
C ASN B 235 -13.06 -35.94 -9.25
N LYS B 236 -12.46 -35.99 -8.03
CA LYS B 236 -12.87 -36.93 -6.96
C LYS B 236 -13.67 -36.25 -5.82
N LEU B 237 -13.15 -35.14 -5.22
CA LEU B 237 -13.82 -34.43 -4.10
C LEU B 237 -15.27 -34.02 -4.46
N LEU B 238 -15.43 -33.26 -5.56
CA LEU B 238 -16.71 -32.81 -6.08
C LEU B 238 -16.67 -33.05 -7.59
N PRO B 239 -17.16 -34.22 -8.06
CA PRO B 239 -17.09 -34.51 -9.52
C PRO B 239 -17.99 -33.66 -10.41
N LEU B 240 -17.42 -33.16 -11.51
CA LEU B 240 -18.10 -32.39 -12.56
C LEU B 240 -17.97 -33.21 -13.82
N ARG B 241 -19.03 -33.21 -14.68
CA ARG B 241 -19.03 -33.95 -15.94
C ARG B 241 -17.84 -33.51 -16.84
N ARG B 242 -17.67 -32.17 -17.03
CA ARG B 242 -16.60 -31.59 -17.85
C ARG B 242 -15.25 -31.47 -17.09
N GLY B 243 -15.27 -31.69 -15.78
CA GLY B 243 -14.06 -31.68 -14.94
C GLY B 243 -13.51 -30.31 -14.55
N TYR B 244 -12.28 -30.32 -14.00
CA TYR B 244 -11.55 -29.14 -13.51
C TYR B 244 -10.23 -28.92 -14.23
N VAL B 245 -9.93 -27.64 -14.53
CA VAL B 245 -8.66 -27.25 -15.13
C VAL B 245 -7.97 -26.28 -14.14
N GLY B 246 -6.74 -26.61 -13.75
CA GLY B 246 -5.98 -25.79 -12.82
C GLY B 246 -5.12 -24.74 -13.51
N VAL B 247 -5.01 -23.56 -12.90
CA VAL B 247 -4.23 -22.46 -13.46
C VAL B 247 -3.35 -21.78 -12.36
N VAL B 248 -2.32 -21.05 -12.80
CA VAL B 248 -1.42 -20.24 -11.96
C VAL B 248 -1.24 -18.91 -12.68
N ASN B 249 -1.93 -17.89 -12.19
CA ASN B 249 -1.87 -16.54 -12.75
C ASN B 249 -0.84 -15.72 -11.99
N ARG B 250 -0.57 -14.49 -12.47
CA ARG B 250 0.38 -13.56 -11.86
C ARG B 250 -0.07 -13.15 -10.46
N SER B 251 0.90 -13.07 -9.54
CA SER B 251 0.65 -12.62 -8.16
C SER B 251 0.58 -11.09 -8.18
N GLN B 252 0.24 -10.45 -7.05
CA GLN B 252 0.19 -8.98 -6.95
C GLN B 252 1.61 -8.38 -7.11
N LYS B 253 2.67 -9.14 -6.73
CA LYS B 253 4.06 -8.71 -6.89
C LYS B 253 4.40 -8.67 -8.38
N ASP B 254 3.94 -9.70 -9.14
CA ASP B 254 4.14 -9.84 -10.59
C ASP B 254 3.46 -8.70 -11.37
N ILE B 255 2.22 -8.29 -10.97
CA ILE B 255 1.48 -7.20 -11.62
C ILE B 255 2.11 -5.82 -11.28
N ASP B 256 2.33 -5.52 -9.97
CA ASP B 256 2.96 -4.25 -9.52
C ASP B 256 4.39 -4.09 -10.07
N GLY B 257 5.08 -5.23 -10.27
CA GLY B 257 6.43 -5.30 -10.81
C GLY B 257 6.45 -5.58 -12.31
N LYS B 258 5.29 -5.34 -12.98
CA LYS B 258 5.02 -5.46 -14.42
C LYS B 258 5.58 -6.73 -15.11
N LYS B 259 5.22 -7.93 -14.60
CA LYS B 259 5.64 -9.20 -15.22
C LYS B 259 4.77 -9.47 -16.45
N ASP B 260 5.42 -9.92 -17.54
CA ASP B 260 4.86 -10.26 -18.85
C ASP B 260 3.85 -11.42 -18.75
N ILE B 261 2.82 -11.44 -19.65
CA ILE B 261 1.83 -12.54 -19.72
C ILE B 261 2.56 -13.82 -20.15
N LYS B 262 3.53 -13.68 -21.09
CA LYS B 262 4.41 -14.73 -21.62
C LYS B 262 5.23 -15.37 -20.49
N ALA B 263 5.85 -14.53 -19.62
CA ALA B 263 6.66 -14.98 -18.48
C ALA B 263 5.81 -15.73 -17.41
N ALA B 264 4.54 -15.32 -17.25
CA ALA B 264 3.59 -15.95 -16.32
C ALA B 264 3.16 -17.33 -16.84
N MET B 265 2.93 -17.46 -18.16
CA MET B 265 2.53 -18.72 -18.80
C MET B 265 3.65 -19.75 -18.71
N LEU B 266 4.91 -19.27 -18.79
CA LEU B 266 6.15 -20.03 -18.66
C LEU B 266 6.24 -20.58 -17.22
N ALA B 267 5.99 -19.71 -16.20
CA ALA B 267 6.03 -20.06 -14.79
C ALA B 267 4.92 -21.06 -14.42
N GLU B 268 3.74 -20.94 -15.07
CA GLU B 268 2.57 -21.78 -14.88
C GLU B 268 2.84 -23.21 -15.38
N ARG B 269 3.50 -23.36 -16.57
CA ARG B 269 3.87 -24.67 -17.16
C ARG B 269 4.97 -25.34 -16.32
N LYS B 270 5.90 -24.53 -15.77
CA LYS B 270 6.97 -25.01 -14.88
C LYS B 270 6.34 -25.53 -13.57
N PHE B 271 5.33 -24.81 -13.04
CA PHE B 271 4.61 -25.16 -11.81
C PHE B 271 3.95 -26.54 -11.88
N PHE B 272 3.13 -26.80 -12.93
CA PHE B 272 2.42 -28.09 -13.04
C PHE B 272 3.33 -29.27 -13.35
N LEU B 273 4.44 -29.05 -14.10
CA LEU B 273 5.41 -30.10 -14.42
C LEU B 273 6.29 -30.44 -13.20
N SER B 274 6.56 -29.44 -12.32
CA SER B 274 7.41 -29.58 -11.13
C SER B 274 6.67 -30.10 -9.89
N HIS B 275 5.38 -29.71 -9.71
CA HIS B 275 4.58 -30.09 -8.54
C HIS B 275 4.35 -31.61 -8.49
N PRO B 276 4.87 -32.31 -7.43
CA PRO B 276 4.74 -33.78 -7.35
C PRO B 276 3.30 -34.30 -7.35
N ALA B 277 2.35 -33.49 -6.83
CA ALA B 277 0.94 -33.83 -6.75
C ALA B 277 0.18 -33.67 -8.06
N TYR B 278 0.67 -32.82 -9.00
CA TYR B 278 -0.02 -32.56 -10.27
C TYR B 278 0.78 -32.95 -11.54
N ARG B 279 2.08 -33.33 -11.40
CA ARG B 279 2.99 -33.67 -12.51
C ARG B 279 2.37 -34.67 -13.48
N HIS B 280 1.66 -35.69 -12.95
CA HIS B 280 1.00 -36.74 -13.73
C HIS B 280 -0.21 -36.26 -14.56
N ILE B 281 -0.75 -35.03 -14.28
CA ILE B 281 -1.90 -34.47 -15.00
C ILE B 281 -1.59 -33.06 -15.60
N ALA B 282 -0.30 -32.67 -15.66
CA ALA B 282 0.20 -31.37 -16.16
C ALA B 282 -0.27 -30.99 -17.58
N ASP B 283 -0.54 -32.00 -18.45
CA ASP B 283 -0.99 -31.80 -19.84
C ASP B 283 -2.51 -31.50 -19.92
N ARG B 284 -3.24 -31.71 -18.79
CA ARG B 284 -4.65 -31.42 -18.57
C ARG B 284 -4.77 -30.11 -17.74
N MET B 285 -3.63 -29.48 -17.41
CA MET B 285 -3.54 -28.27 -16.60
C MET B 285 -2.98 -27.09 -17.39
N GLY B 286 -3.23 -25.88 -16.89
CA GLY B 286 -2.75 -24.64 -17.48
C GLY B 286 -3.80 -23.90 -18.27
N THR B 287 -3.54 -22.61 -18.52
CA THR B 287 -4.42 -21.72 -19.27
C THR B 287 -4.47 -22.11 -20.80
N PRO B 288 -3.36 -22.55 -21.48
CA PRO B 288 -3.48 -22.95 -22.91
C PRO B 288 -4.42 -24.15 -23.08
N HIS B 289 -4.37 -25.14 -22.12
CA HIS B 289 -5.25 -26.32 -22.13
C HIS B 289 -6.71 -25.86 -21.96
N LEU B 290 -6.97 -24.96 -20.99
CA LEU B 290 -8.29 -24.38 -20.73
C LEU B 290 -8.82 -23.71 -22.02
N GLN B 291 -7.97 -22.91 -22.70
CA GLN B 291 -8.27 -22.21 -23.96
C GLN B 291 -8.57 -23.19 -25.09
N LYS B 292 -7.81 -24.31 -25.14
CA LYS B 292 -7.99 -25.39 -26.13
C LYS B 292 -9.31 -26.13 -25.86
N VAL B 293 -9.69 -26.26 -24.57
CA VAL B 293 -10.93 -26.89 -24.12
C VAL B 293 -12.12 -25.99 -24.49
N LEU B 294 -11.98 -24.65 -24.28
CA LEU B 294 -13.02 -23.68 -24.62
C LEU B 294 -13.27 -23.59 -26.14
N ASN B 295 -12.20 -23.74 -26.96
CA ASN B 295 -12.29 -23.69 -28.43
C ASN B 295 -12.84 -24.97 -29.02
N GLN B 296 -12.52 -26.15 -28.42
CA GLN B 296 -12.99 -27.48 -28.87
C GLN B 296 -14.52 -27.59 -28.80
N GLN B 297 -15.16 -26.80 -27.93
CA GLN B 297 -16.61 -26.78 -27.75
C GLN B 297 -17.30 -25.99 -28.88
N LEU B 298 -16.69 -24.86 -29.31
CA LEU B 298 -17.20 -23.97 -30.37
C LEU B 298 -16.90 -24.49 -31.78
N THR B 299 -15.79 -25.24 -31.95
CA THR B 299 -15.37 -25.84 -33.22
C THR B 299 -16.29 -27.04 -33.57
N GLN C 46 -20.64 -17.46 26.77
CA GLN C 46 -20.49 -18.31 25.59
C GLN C 46 -19.94 -17.53 24.39
N ILE C 47 -18.89 -18.09 23.76
CA ILE C 47 -18.20 -17.52 22.59
C ILE C 47 -18.37 -18.47 21.39
N ALA C 48 -19.28 -18.13 20.46
CA ALA C 48 -19.55 -18.93 19.28
C ALA C 48 -18.51 -18.61 18.19
N VAL C 49 -17.76 -19.66 17.74
CA VAL C 49 -16.71 -19.57 16.72
C VAL C 49 -17.37 -19.84 15.36
N VAL C 50 -17.66 -18.76 14.62
CA VAL C 50 -18.40 -18.77 13.34
C VAL C 50 -17.48 -18.50 12.15
N GLY C 51 -17.75 -19.20 11.05
CA GLY C 51 -17.01 -19.05 9.80
C GLY C 51 -17.24 -20.18 8.82
N GLY C 52 -16.55 -20.09 7.68
CA GLY C 52 -16.61 -21.11 6.63
C GLY C 52 -15.77 -22.32 6.99
N GLN C 53 -15.90 -23.42 6.23
CA GLN C 53 -15.09 -24.63 6.45
C GLN C 53 -13.62 -24.31 6.20
N SER C 54 -12.70 -24.90 7.01
CA SER C 54 -11.24 -24.75 6.94
C SER C 54 -10.76 -23.31 7.20
N ALA C 55 -11.62 -22.46 7.84
CA ALA C 55 -11.28 -21.08 8.20
C ALA C 55 -10.16 -20.99 9.26
N GLY C 56 -10.08 -22.00 10.13
CA GLY C 56 -9.09 -22.06 11.21
C GLY C 56 -9.73 -21.92 12.58
N LYS C 57 -11.05 -22.18 12.68
CA LYS C 57 -11.86 -22.12 13.90
C LYS C 57 -11.36 -23.10 14.97
N SER C 58 -11.08 -24.37 14.54
CA SER C 58 -10.58 -25.43 15.44
C SER C 58 -9.18 -25.11 15.95
N SER C 59 -8.33 -24.53 15.08
CA SER C 59 -6.96 -24.14 15.40
C SER C 59 -6.92 -23.12 16.55
N VAL C 60 -7.93 -22.21 16.60
CA VAL C 60 -8.13 -21.18 17.62
C VAL C 60 -8.38 -21.88 18.98
N LEU C 61 -9.34 -22.85 19.01
CA LEU C 61 -9.68 -23.64 20.21
C LEU C 61 -8.46 -24.39 20.77
N GLU C 62 -7.63 -24.98 19.88
CA GLU C 62 -6.41 -25.70 20.28
C GLU C 62 -5.34 -24.73 20.85
N ASN C 63 -5.29 -23.49 20.34
CA ASN C 63 -4.35 -22.47 20.79
C ASN C 63 -4.71 -21.97 22.19
N PHE C 64 -6.01 -21.86 22.49
CA PHE C 64 -6.56 -21.43 23.77
C PHE C 64 -6.25 -22.47 24.85
N VAL C 65 -6.36 -23.78 24.50
CA VAL C 65 -6.11 -24.94 25.39
C VAL C 65 -4.60 -25.07 25.66
N GLY C 66 -3.80 -24.82 24.63
CA GLY C 66 -2.35 -24.94 24.69
C GLY C 66 -1.86 -26.33 24.34
N ARG C 67 -2.80 -27.22 23.94
CA ARG C 67 -2.51 -28.61 23.56
C ARG C 67 -3.29 -29.00 22.30
N ASP C 68 -2.68 -29.86 21.46
CA ASP C 68 -3.33 -30.37 20.25
C ASP C 68 -4.22 -31.53 20.64
N PHE C 69 -5.55 -31.33 20.56
CA PHE C 69 -6.55 -32.30 20.99
C PHE C 69 -7.71 -32.49 20.01
N LEU C 70 -7.75 -31.75 18.89
CA LEU C 70 -8.87 -31.88 17.95
C LEU C 70 -8.48 -32.72 16.71
N PRO C 71 -9.39 -33.65 16.26
CA PRO C 71 -9.06 -34.49 15.10
C PRO C 71 -9.21 -33.78 13.77
N ARG C 72 -8.30 -34.09 12.82
CA ARG C 72 -8.27 -33.55 11.45
C ARG C 72 -7.90 -34.65 10.46
N THR C 78 -15.59 -30.97 11.59
CA THR C 78 -16.62 -30.60 12.56
C THR C 78 -18.01 -30.79 11.91
N ARG C 79 -18.83 -31.70 12.50
CA ARG C 79 -20.19 -32.02 12.02
C ARG C 79 -21.25 -31.72 13.08
N ARG C 80 -20.84 -31.69 14.35
CA ARG C 80 -21.65 -31.43 15.54
C ARG C 80 -21.02 -30.24 16.30
N PRO C 81 -21.78 -29.46 17.12
CA PRO C 81 -21.14 -28.39 17.89
C PRO C 81 -20.30 -28.95 19.04
N LEU C 82 -19.27 -28.21 19.45
CA LEU C 82 -18.43 -28.60 20.57
C LEU C 82 -18.41 -27.45 21.56
N VAL C 83 -19.21 -27.58 22.62
CA VAL C 83 -19.25 -26.57 23.68
C VAL C 83 -18.10 -26.89 24.66
N LEU C 84 -16.97 -26.18 24.45
CA LEU C 84 -15.74 -26.33 25.23
C LEU C 84 -15.68 -25.32 26.38
N GLN C 85 -15.73 -25.82 27.63
CA GLN C 85 -15.63 -24.99 28.83
C GLN C 85 -14.22 -25.12 29.38
N LEU C 86 -13.51 -23.99 29.42
CA LEU C 86 -12.15 -23.89 29.90
C LEU C 86 -12.15 -23.39 31.32
N ILE C 87 -11.48 -24.13 32.20
CA ILE C 87 -11.40 -23.77 33.61
C ILE C 87 -9.94 -23.73 34.06
N THR C 88 -9.46 -22.58 34.58
CA THR C 88 -8.11 -22.46 35.13
C THR C 88 -8.05 -23.33 36.39
N SER C 89 -7.14 -24.29 36.38
CA SER C 89 -6.96 -25.30 37.42
C SER C 89 -5.48 -25.61 37.55
N LYS C 90 -5.02 -25.96 38.77
CA LYS C 90 -3.63 -26.33 39.03
C LYS C 90 -3.29 -27.62 38.28
N ALA C 91 -4.22 -28.61 38.33
CA ALA C 91 -4.12 -29.90 37.66
C ALA C 91 -4.67 -29.83 36.23
N GLU C 92 -3.94 -30.39 35.28
CA GLU C 92 -4.34 -30.40 33.87
C GLU C 92 -5.02 -31.72 33.51
N TYR C 93 -6.32 -31.64 33.11
CA TYR C 93 -7.16 -32.77 32.68
C TYR C 93 -8.42 -32.29 31.95
N ALA C 94 -9.13 -33.21 31.28
CA ALA C 94 -10.37 -32.93 30.57
C ALA C 94 -11.45 -33.94 30.93
N GLU C 95 -12.71 -33.51 30.94
CA GLU C 95 -13.83 -34.41 31.23
C GLU C 95 -15.06 -34.08 30.39
N PHE C 96 -15.70 -35.13 29.84
CA PHE C 96 -16.89 -35.03 29.01
C PHE C 96 -18.14 -35.30 29.85
N LEU C 97 -19.28 -34.67 29.51
CA LEU C 97 -20.54 -34.87 30.24
C LEU C 97 -21.16 -36.24 29.92
N HIS C 98 -20.87 -36.81 28.72
CA HIS C 98 -21.35 -38.14 28.31
C HIS C 98 -20.43 -39.22 28.90
N CYS C 99 -19.18 -38.84 29.20
CA CYS C 99 -18.15 -39.67 29.83
C CYS C 99 -18.08 -39.28 31.32
N LYS C 100 -19.26 -39.05 31.94
CA LYS C 100 -19.46 -38.64 33.33
C LYS C 100 -18.66 -39.49 34.31
N GLY C 101 -17.86 -38.83 35.14
CA GLY C 101 -16.99 -39.45 36.14
C GLY C 101 -15.56 -39.62 35.68
N LYS C 102 -15.34 -39.89 34.37
CA LYS C 102 -14.01 -40.12 33.79
C LYS C 102 -13.26 -38.80 33.54
N LYS C 103 -11.99 -38.76 33.99
CA LYS C 103 -11.07 -37.63 33.82
C LYS C 103 -9.90 -38.10 32.96
N PHE C 104 -9.66 -37.40 31.83
CA PHE C 104 -8.62 -37.74 30.85
C PHE C 104 -7.30 -37.00 31.08
N THR C 105 -6.18 -37.75 31.12
CA THR C 105 -4.83 -37.22 31.31
C THR C 105 -4.16 -36.98 29.95
N ASP C 106 -4.25 -37.96 29.03
CA ASP C 106 -3.70 -37.87 27.68
C ASP C 106 -4.69 -37.14 26.76
N PHE C 107 -4.19 -36.15 25.98
CA PHE C 107 -4.99 -35.34 25.07
C PHE C 107 -5.29 -36.07 23.75
N ASP C 108 -4.48 -37.10 23.40
CA ASP C 108 -4.67 -37.93 22.21
C ASP C 108 -5.87 -38.87 22.46
N GLU C 109 -6.12 -39.20 23.76
CA GLU C 109 -7.27 -40.01 24.21
C GLU C 109 -8.55 -39.18 24.16
N VAL C 110 -8.42 -37.83 24.34
CA VAL C 110 -9.51 -36.85 24.27
C VAL C 110 -9.92 -36.75 22.80
N ARG C 111 -8.91 -36.60 21.90
CA ARG C 111 -9.04 -36.53 20.43
C ARG C 111 -9.82 -37.74 19.90
N LEU C 112 -9.48 -38.97 20.38
CA LEU C 112 -10.14 -40.22 20.00
C LEU C 112 -11.59 -40.28 20.45
N GLU C 113 -11.90 -39.73 21.66
CA GLU C 113 -13.26 -39.68 22.21
C GLU C 113 -14.15 -38.72 21.37
N ILE C 114 -13.56 -37.61 20.86
CA ILE C 114 -14.25 -36.63 19.99
C ILE C 114 -14.61 -37.35 18.67
N GLU C 115 -13.70 -38.21 18.17
CA GLU C 115 -13.87 -39.03 16.97
C GLU C 115 -14.94 -40.12 17.24
N ALA C 116 -14.94 -40.71 18.46
CA ALA C 116 -15.87 -41.76 18.88
C ALA C 116 -17.32 -41.27 19.08
N GLU C 117 -17.50 -40.09 19.70
CA GLU C 117 -18.83 -39.54 19.96
C GLU C 117 -19.46 -38.94 18.69
N THR C 118 -18.63 -38.50 17.72
CA THR C 118 -19.08 -37.92 16.45
C THR C 118 -19.76 -38.95 15.55
N ASP C 119 -19.46 -40.25 15.75
CA ASP C 119 -20.03 -41.36 14.98
C ASP C 119 -20.68 -42.39 15.91
N ILE C 128 -24.38 -34.41 9.89
CA ILE C 128 -24.53 -33.25 10.75
C ILE C 128 -25.65 -33.44 11.77
N SER C 129 -25.43 -32.95 13.02
CA SER C 129 -26.38 -33.02 14.13
C SER C 129 -26.23 -31.82 15.07
N SER C 130 -27.37 -31.29 15.57
CA SER C 130 -27.44 -30.16 16.50
C SER C 130 -27.30 -30.62 17.98
N ILE C 131 -26.66 -31.80 18.20
CA ILE C 131 -26.42 -32.36 19.53
C ILE C 131 -24.97 -32.03 19.89
N PRO C 132 -24.72 -31.04 20.79
CA PRO C 132 -23.33 -30.65 21.08
C PRO C 132 -22.57 -31.63 21.96
N ILE C 133 -21.25 -31.75 21.72
CA ILE C 133 -20.31 -32.61 22.47
C ILE C 133 -19.80 -31.75 23.64
N ASN C 134 -20.37 -31.96 24.84
CA ASN C 134 -20.01 -31.20 26.04
C ASN C 134 -18.67 -31.67 26.65
N LEU C 135 -17.59 -30.90 26.38
CA LEU C 135 -16.24 -31.17 26.89
C LEU C 135 -15.77 -30.03 27.79
N ARG C 136 -15.10 -30.39 28.92
CA ARG C 136 -14.58 -29.45 29.90
C ARG C 136 -13.07 -29.66 30.03
N VAL C 137 -12.27 -28.58 29.89
CA VAL C 137 -10.82 -28.68 30.01
C VAL C 137 -10.33 -27.85 31.20
N TYR C 138 -9.65 -28.52 32.14
CA TYR C 138 -9.07 -27.93 33.34
C TYR C 138 -7.57 -27.83 33.07
N SER C 139 -7.02 -26.59 33.04
CA SER C 139 -5.61 -26.36 32.70
C SER C 139 -5.01 -25.10 33.38
N PRO C 140 -3.70 -25.09 33.77
CA PRO C 140 -3.13 -23.87 34.39
C PRO C 140 -2.83 -22.76 33.39
N HIS C 141 -2.99 -23.05 32.08
CA HIS C 141 -2.68 -22.15 30.96
C HIS C 141 -3.93 -21.51 30.30
N VAL C 142 -5.14 -22.00 30.63
CA VAL C 142 -6.39 -21.48 30.06
C VAL C 142 -7.01 -20.38 30.95
N LEU C 143 -8.08 -19.73 30.44
CA LEU C 143 -8.85 -18.71 31.13
C LEU C 143 -10.29 -19.22 31.25
N ASN C 144 -11.04 -18.81 32.31
CA ASN C 144 -12.42 -19.26 32.55
C ASN C 144 -13.38 -18.70 31.48
N LEU C 145 -13.51 -19.46 30.38
CA LEU C 145 -14.32 -19.10 29.20
C LEU C 145 -14.98 -20.34 28.59
N THR C 146 -16.11 -20.12 27.90
CA THR C 146 -16.85 -21.16 27.19
C THR C 146 -16.87 -20.85 25.69
N LEU C 147 -16.22 -21.72 24.89
CA LEU C 147 -16.15 -21.58 23.44
C LEU C 147 -17.04 -22.61 22.78
N ILE C 148 -17.75 -22.22 21.70
CA ILE C 148 -18.61 -23.11 20.95
C ILE C 148 -18.06 -23.24 19.53
N ASP C 149 -17.44 -24.41 19.24
CA ASP C 149 -16.90 -24.71 17.93
C ASP C 149 -18.06 -25.18 17.08
N LEU C 150 -18.46 -24.35 16.11
CA LEU C 150 -19.58 -24.66 15.22
C LEU C 150 -19.07 -25.11 13.85
N PRO C 151 -19.74 -26.10 13.18
CA PRO C 151 -19.30 -26.53 11.83
C PRO C 151 -19.21 -25.36 10.85
N GLY C 152 -18.24 -25.44 9.95
CA GLY C 152 -17.98 -24.41 8.94
C GLY C 152 -19.03 -24.27 7.87
N ILE C 153 -19.31 -23.01 7.48
CA ILE C 153 -20.29 -22.68 6.43
C ILE C 153 -19.78 -23.15 5.06
N THR C 154 -20.58 -23.99 4.36
CA THR C 154 -20.28 -24.51 3.02
C THR C 154 -21.35 -24.02 2.02
N LYS C 155 -21.24 -24.41 0.73
CA LYS C 155 -22.17 -23.96 -0.33
C LYS C 155 -22.71 -25.12 -1.15
N VAL C 156 -21.89 -26.16 -1.37
CA VAL C 156 -22.24 -27.35 -2.16
C VAL C 156 -22.11 -28.65 -1.31
N PRO C 157 -23.00 -29.66 -1.51
CA PRO C 157 -22.85 -30.93 -0.74
C PRO C 157 -21.68 -31.77 -1.23
N VAL C 158 -20.98 -32.44 -0.30
CA VAL C 158 -19.84 -33.32 -0.55
C VAL C 158 -20.17 -34.74 -0.07
N GLY C 159 -20.10 -35.70 -1.00
CA GLY C 159 -20.36 -37.10 -0.71
C GLY C 159 -21.81 -37.43 -0.41
N ASP C 160 -22.09 -37.85 0.83
CA ASP C 160 -23.41 -38.26 1.31
C ASP C 160 -24.22 -37.14 2.00
N GLN C 161 -23.73 -35.87 1.90
CA GLN C 161 -24.39 -34.68 2.48
C GLN C 161 -25.69 -34.35 1.75
N PRO C 162 -26.75 -33.86 2.45
CA PRO C 162 -27.99 -33.51 1.74
C PRO C 162 -27.81 -32.23 0.90
N PRO C 163 -28.65 -31.97 -0.15
CA PRO C 163 -28.43 -30.76 -0.96
C PRO C 163 -28.57 -29.42 -0.21
N ASP C 164 -29.24 -29.41 0.97
CA ASP C 164 -29.49 -28.21 1.77
C ASP C 164 -28.52 -28.06 2.98
N ILE C 165 -27.37 -28.77 2.95
CA ILE C 165 -26.32 -28.81 3.97
C ILE C 165 -25.92 -27.39 4.49
N GLU C 166 -25.85 -26.37 3.59
CA GLU C 166 -25.51 -24.98 3.93
C GLU C 166 -26.51 -24.35 4.93
N TYR C 167 -27.81 -24.51 4.65
CA TYR C 167 -28.91 -23.96 5.43
C TYR C 167 -29.09 -24.73 6.72
N GLN C 168 -28.66 -26.00 6.76
CA GLN C 168 -28.68 -26.85 7.94
C GLN C 168 -27.57 -26.39 8.88
N ILE C 169 -26.42 -25.98 8.31
CA ILE C 169 -25.30 -25.43 9.08
C ILE C 169 -25.71 -24.03 9.61
N ARG C 170 -26.32 -23.18 8.73
CA ARG C 170 -26.77 -21.82 9.09
C ARG C 170 -27.70 -21.81 10.31
N GLU C 171 -28.77 -22.64 10.31
CA GLU C 171 -29.73 -22.73 11.42
C GLU C 171 -29.08 -23.21 12.72
N MET C 172 -28.13 -24.17 12.64
CA MET C 172 -27.41 -24.71 13.79
C MET C 172 -26.58 -23.60 14.43
N ILE C 173 -25.97 -22.72 13.59
CA ILE C 173 -25.18 -21.57 14.04
C ILE C 173 -26.14 -20.51 14.59
N MET C 174 -27.28 -20.28 13.90
CA MET C 174 -28.33 -19.33 14.28
C MET C 174 -28.86 -19.61 15.68
N GLN C 175 -29.08 -20.90 16.03
CA GLN C 175 -29.56 -21.37 17.35
C GLN C 175 -28.68 -20.85 18.51
N PHE C 176 -27.36 -20.69 18.25
CA PHE C 176 -26.36 -20.19 19.21
C PHE C 176 -26.16 -18.67 19.13
N ILE C 177 -25.99 -18.12 17.89
CA ILE C 177 -25.68 -16.68 17.70
C ILE C 177 -26.91 -15.71 17.79
N THR C 178 -28.18 -16.23 17.81
CA THR C 178 -29.37 -15.35 17.98
C THR C 178 -29.48 -14.91 19.45
N ARG C 179 -28.87 -15.67 20.37
CA ARG C 179 -28.82 -15.40 21.82
C ARG C 179 -28.04 -14.09 22.06
N GLU C 180 -28.64 -13.15 22.83
CA GLU C 180 -28.08 -11.83 23.16
C GLU C 180 -26.83 -11.91 24.05
N ASN C 181 -26.69 -12.98 24.86
CA ASN C 181 -25.54 -13.17 25.76
C ASN C 181 -24.36 -13.88 25.07
N CYS C 182 -24.52 -14.18 23.75
CA CYS C 182 -23.54 -14.88 22.93
C CYS C 182 -22.52 -13.94 22.27
N LEU C 183 -21.22 -14.26 22.41
CA LEU C 183 -20.14 -13.49 21.79
C LEU C 183 -19.81 -14.13 20.42
N ILE C 184 -19.93 -13.35 19.33
CA ILE C 184 -19.68 -13.89 17.98
C ILE C 184 -18.23 -13.67 17.56
N LEU C 185 -17.52 -14.80 17.42
CA LEU C 185 -16.15 -14.82 16.96
C LEU C 185 -16.18 -15.09 15.44
N ALA C 186 -16.15 -14.00 14.65
CA ALA C 186 -16.21 -14.05 13.19
C ALA C 186 -14.83 -14.38 12.58
N VAL C 187 -14.58 -15.69 12.36
CA VAL C 187 -13.29 -16.18 11.84
C VAL C 187 -13.26 -16.14 10.30
N THR C 188 -12.37 -15.28 9.76
CA THR C 188 -12.13 -15.08 8.32
C THR C 188 -10.64 -15.26 7.94
N PRO C 189 -10.31 -16.16 6.96
CA PRO C 189 -8.90 -16.31 6.53
C PRO C 189 -8.46 -15.07 5.74
N ALA C 190 -7.21 -14.62 5.94
CA ALA C 190 -6.68 -13.42 5.30
C ALA C 190 -6.42 -13.59 3.81
N ASN C 191 -6.10 -14.84 3.38
CA ASN C 191 -5.83 -15.19 1.97
C ASN C 191 -7.12 -15.19 1.08
N THR C 192 -8.23 -14.66 1.64
CA THR C 192 -9.53 -14.48 0.97
C THR C 192 -10.00 -13.04 1.22
N ASP C 193 -10.75 -12.49 0.26
CA ASP C 193 -11.37 -11.17 0.27
C ASP C 193 -12.34 -11.08 1.47
N LEU C 194 -12.20 -10.03 2.33
CA LEU C 194 -13.05 -9.80 3.54
C LEU C 194 -14.53 -9.62 3.18
N ALA C 195 -14.81 -8.98 2.02
CA ALA C 195 -16.16 -8.76 1.53
C ALA C 195 -16.90 -10.09 1.26
N ASN C 196 -16.14 -11.19 1.06
CA ASN C 196 -16.65 -12.55 0.81
C ASN C 196 -16.83 -13.40 2.07
N SER C 197 -16.62 -12.83 3.28
CA SER C 197 -16.69 -13.53 4.55
C SER C 197 -18.09 -14.02 4.92
N ASP C 198 -18.22 -15.36 5.11
CA ASP C 198 -19.47 -16.04 5.54
C ASP C 198 -19.68 -15.75 7.05
N ALA C 199 -18.56 -15.56 7.79
CA ALA C 199 -18.57 -15.28 9.22
C ALA C 199 -19.17 -13.93 9.50
N LEU C 200 -18.74 -12.89 8.76
CA LEU C 200 -19.22 -11.51 8.94
C LEU C 200 -20.64 -11.30 8.41
N LYS C 201 -21.11 -12.16 7.48
CA LYS C 201 -22.48 -12.09 6.95
C LYS C 201 -23.48 -12.62 8.01
N LEU C 202 -23.14 -13.76 8.68
CA LEU C 202 -23.99 -14.35 9.73
C LEU C 202 -24.02 -13.51 10.99
N ALA C 203 -22.88 -12.87 11.33
CA ALA C 203 -22.75 -12.01 12.50
C ALA C 203 -23.55 -10.71 12.34
N LYS C 204 -23.50 -10.10 11.13
CA LYS C 204 -24.23 -8.87 10.81
C LYS C 204 -25.73 -9.11 10.67
N GLU C 205 -26.15 -10.37 10.40
CA GLU C 205 -27.58 -10.70 10.29
C GLU C 205 -28.27 -10.67 11.63
N VAL C 206 -27.56 -11.07 12.70
CA VAL C 206 -28.05 -11.12 14.10
C VAL C 206 -27.58 -9.89 14.92
N ASP C 207 -26.48 -9.27 14.49
CA ASP C 207 -25.88 -8.12 15.18
C ASP C 207 -25.41 -7.10 14.12
N PRO C 208 -26.35 -6.32 13.49
CA PRO C 208 -25.94 -5.34 12.46
C PRO C 208 -25.11 -4.17 13.01
N GLN C 209 -25.34 -3.82 14.29
CA GLN C 209 -24.65 -2.73 14.98
C GLN C 209 -23.24 -3.11 15.43
N GLY C 210 -22.95 -4.42 15.47
CA GLY C 210 -21.64 -4.97 15.86
C GLY C 210 -21.37 -4.88 17.34
N LEU C 211 -22.45 -4.90 18.16
CA LEU C 211 -22.39 -4.78 19.62
C LEU C 211 -21.72 -5.98 20.32
N ARG C 212 -21.86 -7.17 19.74
CA ARG C 212 -21.31 -8.42 20.29
C ARG C 212 -20.55 -9.25 19.22
N THR C 213 -19.84 -8.57 18.29
CA THR C 213 -19.08 -9.24 17.24
C THR C 213 -17.61 -8.84 17.29
N ILE C 214 -16.73 -9.86 17.25
CA ILE C 214 -15.28 -9.69 17.21
C ILE C 214 -14.76 -10.43 15.96
N GLY C 215 -14.03 -9.70 15.12
CA GLY C 215 -13.43 -10.25 13.90
C GLY C 215 -12.10 -10.92 14.20
N VAL C 216 -11.89 -12.12 13.63
CA VAL C 216 -10.65 -12.89 13.81
C VAL C 216 -10.07 -13.14 12.44
N ILE C 217 -8.79 -12.73 12.25
CA ILE C 217 -8.12 -12.87 10.96
C ILE C 217 -7.00 -13.94 11.05
N THR C 218 -7.24 -15.08 10.42
CA THR C 218 -6.31 -16.22 10.37
C THR C 218 -5.55 -16.22 9.02
N LYS C 219 -4.61 -17.18 8.84
CA LYS C 219 -3.85 -17.44 7.60
C LYS C 219 -3.16 -16.17 7.02
N LEU C 220 -2.75 -15.23 7.92
CA LEU C 220 -2.02 -13.99 7.57
C LEU C 220 -0.64 -14.31 7.00
N ASP C 221 -0.12 -15.50 7.30
CA ASP C 221 1.15 -16.01 6.81
C ASP C 221 0.99 -16.65 5.41
N LEU C 222 -0.28 -16.79 4.95
CA LEU C 222 -0.61 -17.37 3.63
C LEU C 222 -1.03 -16.29 2.61
N MET C 223 -0.96 -14.99 3.01
CA MET C 223 -1.31 -13.87 2.12
C MET C 223 -0.32 -13.76 0.97
N ASP C 224 -0.82 -13.45 -0.23
CA ASP C 224 -0.03 -13.30 -1.46
C ASP C 224 1.07 -12.26 -1.25
N GLU C 225 2.29 -12.54 -1.77
CA GLU C 225 3.46 -11.65 -1.68
C GLU C 225 3.12 -10.23 -2.17
N GLY C 226 3.46 -9.24 -1.35
CA GLY C 226 3.19 -7.83 -1.66
C GLY C 226 1.87 -7.29 -1.15
N THR C 227 0.99 -8.18 -0.61
CA THR C 227 -0.30 -7.80 -0.04
C THR C 227 -0.27 -7.98 1.47
N ASP C 228 -1.19 -7.32 2.18
CA ASP C 228 -1.31 -7.40 3.63
C ASP C 228 -2.75 -7.13 4.05
N ALA C 229 -3.06 -7.31 5.34
CA ALA C 229 -4.39 -7.04 5.87
C ALA C 229 -4.44 -5.78 6.77
N ARG C 230 -3.41 -4.90 6.71
CA ARG C 230 -3.33 -3.67 7.53
C ARG C 230 -4.67 -2.89 7.54
N ASP C 231 -5.32 -2.74 6.36
CA ASP C 231 -6.62 -2.08 6.19
C ASP C 231 -7.73 -2.75 7.04
N VAL C 232 -7.74 -4.10 7.04
CA VAL C 232 -8.70 -4.93 7.78
C VAL C 232 -8.42 -4.87 9.29
N LEU C 233 -7.16 -5.13 9.70
CA LEU C 233 -6.73 -5.15 11.10
C LEU C 233 -6.78 -3.76 11.77
N GLU C 234 -6.59 -2.68 10.99
CA GLU C 234 -6.70 -1.31 11.55
C GLU C 234 -8.18 -0.88 11.68
N ASN C 235 -9.13 -1.79 11.31
CA ASN C 235 -10.58 -1.61 11.38
C ASN C 235 -11.04 -0.47 10.42
N LYS C 236 -10.58 -0.54 9.14
CA LYS C 236 -10.88 0.48 8.13
C LYS C 236 -11.67 -0.06 6.92
N LEU C 237 -11.44 -1.35 6.52
CA LEU C 237 -12.15 -1.96 5.38
C LEU C 237 -13.62 -2.22 5.74
N LEU C 238 -13.86 -3.03 6.79
CA LEU C 238 -15.20 -3.31 7.30
C LEU C 238 -15.18 -3.09 8.81
N PRO C 239 -15.27 -1.81 9.28
CA PRO C 239 -15.21 -1.56 10.72
C PRO C 239 -16.27 -2.27 11.53
N LEU C 240 -15.86 -2.78 12.70
CA LEU C 240 -16.70 -3.45 13.71
C LEU C 240 -16.45 -2.70 15.02
N ARG C 241 -17.49 -2.54 15.87
CA ARG C 241 -17.37 -1.85 17.17
C ARG C 241 -16.24 -2.43 18.01
N ARG C 242 -16.19 -3.78 18.16
CA ARG C 242 -15.15 -4.46 18.95
C ARG C 242 -13.86 -4.71 18.15
N GLY C 243 -13.90 -4.36 16.86
CA GLY C 243 -12.76 -4.48 15.95
C GLY C 243 -12.33 -5.88 15.59
N TYR C 244 -11.09 -6.01 15.06
CA TYR C 244 -10.45 -7.25 14.59
C TYR C 244 -9.22 -7.66 15.40
N VAL C 245 -8.91 -8.98 15.40
CA VAL C 245 -7.72 -9.55 16.04
C VAL C 245 -7.10 -10.58 15.07
N GLY C 246 -5.84 -10.35 14.71
CA GLY C 246 -5.10 -11.23 13.80
C GLY C 246 -4.42 -12.35 14.53
N VAL C 247 -4.50 -13.57 13.98
CA VAL C 247 -3.86 -14.76 14.57
C VAL C 247 -3.12 -15.56 13.50
N VAL C 248 -2.08 -16.30 13.90
CA VAL C 248 -1.29 -17.18 13.03
C VAL C 248 -1.28 -18.53 13.71
N ASN C 249 -1.95 -19.50 13.09
CA ASN C 249 -2.08 -20.87 13.57
C ASN C 249 -1.09 -21.79 12.88
N ARG C 250 -1.06 -23.08 13.29
CA ARG C 250 -0.22 -24.13 12.71
C ARG C 250 -0.65 -24.40 11.26
N SER C 251 0.33 -24.57 10.37
CA SER C 251 0.10 -24.96 8.98
C SER C 251 -0.23 -26.46 9.00
N GLN C 252 -0.61 -27.08 7.86
CA GLN C 252 -0.89 -28.52 7.82
C GLN C 252 0.39 -29.35 8.04
N LYS C 253 1.54 -28.85 7.52
CA LYS C 253 2.86 -29.47 7.68
C LYS C 253 3.25 -29.45 9.17
N ASP C 254 2.88 -28.35 9.88
CA ASP C 254 3.09 -28.16 11.32
C ASP C 254 2.25 -29.16 12.12
N ILE C 255 0.95 -29.33 11.77
CA ILE C 255 0.03 -30.28 12.41
C ILE C 255 0.53 -31.73 12.19
N ASP C 256 0.81 -32.09 10.92
CA ASP C 256 1.29 -33.41 10.53
C ASP C 256 2.66 -33.73 11.15
N GLY C 257 3.55 -32.73 11.19
CA GLY C 257 4.87 -32.83 11.81
C GLY C 257 4.79 -32.76 13.33
N LYS C 258 3.56 -32.55 13.87
CA LYS C 258 3.18 -32.49 15.28
C LYS C 258 3.99 -31.41 16.02
N LYS C 259 3.79 -30.15 15.58
CA LYS C 259 4.43 -28.98 16.20
C LYS C 259 3.61 -28.62 17.43
N ASP C 260 4.31 -28.29 18.53
CA ASP C 260 3.73 -27.91 19.81
C ASP C 260 3.02 -26.56 19.69
N ILE C 261 1.95 -26.36 20.49
CA ILE C 261 1.19 -25.09 20.50
C ILE C 261 2.11 -23.95 21.00
N LYS C 262 2.98 -24.23 22.00
CA LYS C 262 3.96 -23.29 22.57
C LYS C 262 4.92 -22.79 21.47
N ALA C 263 5.32 -23.70 20.54
CA ALA C 263 6.17 -23.41 19.39
C ALA C 263 5.40 -22.56 18.37
N ALA C 264 4.11 -22.91 18.13
CA ALA C 264 3.19 -22.19 17.23
C ALA C 264 2.90 -20.76 17.74
N MET C 265 2.77 -20.58 19.08
CA MET C 265 2.50 -19.29 19.73
C MET C 265 3.68 -18.33 19.63
N LEU C 266 4.91 -18.87 19.60
CA LEU C 266 6.15 -18.10 19.51
C LEU C 266 6.29 -17.54 18.09
N ALA C 267 6.16 -18.42 17.06
CA ALA C 267 6.22 -18.09 15.63
C ALA C 267 5.18 -17.01 15.30
N GLU C 268 3.99 -17.09 15.96
CA GLU C 268 2.90 -16.12 15.83
C GLU C 268 3.37 -14.76 16.36
N ARG C 269 3.94 -14.73 17.59
CA ARG C 269 4.47 -13.51 18.22
C ARG C 269 5.60 -12.90 17.35
N LYS C 270 6.50 -13.75 16.83
CA LYS C 270 7.62 -13.40 15.94
C LYS C 270 7.08 -12.77 14.62
N PHE C 271 5.93 -13.27 14.09
CA PHE C 271 5.29 -12.80 12.87
C PHE C 271 4.81 -11.35 13.02
N PHE C 272 3.96 -11.06 14.04
CA PHE C 272 3.41 -9.73 14.28
C PHE C 272 4.49 -8.71 14.64
N LEU C 273 5.52 -9.12 15.41
CA LEU C 273 6.66 -8.27 15.81
C LEU C 273 7.53 -7.87 14.62
N SER C 274 7.64 -8.76 13.61
CA SER C 274 8.51 -8.57 12.44
C SER C 274 7.78 -8.09 11.17
N HIS C 275 6.46 -8.28 11.07
CA HIS C 275 5.73 -7.86 9.86
C HIS C 275 5.67 -6.36 9.77
N PRO C 276 6.20 -5.74 8.68
CA PRO C 276 6.21 -4.27 8.57
C PRO C 276 4.83 -3.60 8.51
N ALA C 277 3.80 -4.35 8.07
CA ALA C 277 2.43 -3.85 7.96
C ALA C 277 1.62 -4.03 9.25
N TYR C 278 2.08 -4.91 10.18
CA TYR C 278 1.35 -5.17 11.43
C TYR C 278 2.20 -4.92 12.71
N ARG C 279 3.46 -4.45 12.55
CA ARG C 279 4.45 -4.13 13.58
C ARG C 279 3.91 -3.22 14.69
N HIS C 280 3.40 -2.04 14.30
CA HIS C 280 2.85 -0.98 15.13
C HIS C 280 1.63 -1.41 15.98
N ILE C 281 0.88 -2.45 15.54
CA ILE C 281 -0.32 -2.94 16.24
C ILE C 281 -0.16 -4.39 16.77
N ALA C 282 1.09 -4.91 16.83
CA ALA C 282 1.41 -6.27 17.30
C ALA C 282 0.88 -6.56 18.71
N ASP C 283 0.88 -5.53 19.61
CA ASP C 283 0.37 -5.58 20.99
C ASP C 283 -1.15 -5.86 21.05
N ARG C 284 -1.88 -5.58 19.94
CA ARG C 284 -3.32 -5.76 19.73
C ARG C 284 -3.60 -7.05 18.88
N MET C 285 -2.52 -7.77 18.51
CA MET C 285 -2.56 -8.98 17.68
C MET C 285 -2.08 -10.23 18.43
N GLY C 286 -2.45 -11.41 17.90
CA GLY C 286 -2.07 -12.70 18.47
C GLY C 286 -3.20 -13.38 19.20
N THR C 287 -3.07 -14.70 19.40
CA THR C 287 -4.09 -15.50 20.10
C THR C 287 -4.10 -15.18 21.62
N PRO C 288 -2.94 -14.97 22.34
CA PRO C 288 -3.02 -14.61 23.77
C PRO C 288 -3.77 -13.28 24.02
N HIS C 289 -3.70 -12.30 23.06
CA HIS C 289 -4.45 -11.03 23.15
C HIS C 289 -5.93 -11.25 22.87
N LEU C 290 -6.29 -12.15 21.91
CA LEU C 290 -7.71 -12.46 21.62
C LEU C 290 -8.35 -13.09 22.88
N GLN C 291 -7.60 -14.03 23.52
CA GLN C 291 -7.92 -14.72 24.77
C GLN C 291 -8.08 -13.70 25.90
N LYS C 292 -7.16 -12.70 25.96
CA LYS C 292 -7.12 -11.59 26.91
C LYS C 292 -8.32 -10.66 26.71
N VAL C 293 -8.81 -10.52 25.45
CA VAL C 293 -9.95 -9.66 25.12
C VAL C 293 -11.26 -10.39 25.43
N LEU C 294 -11.36 -11.72 25.12
CA LEU C 294 -12.57 -12.52 25.39
C LEU C 294 -12.85 -12.67 26.91
N ASN C 295 -11.80 -12.46 27.75
CA ASN C 295 -11.88 -12.54 29.21
C ASN C 295 -12.48 -11.25 29.83
N GLN C 296 -12.29 -10.10 29.14
CA GLN C 296 -12.76 -8.77 29.54
C GLN C 296 -14.29 -8.69 29.58
N GLN D 46 -6.68 35.35 -12.00
CA GLN D 46 -5.35 34.91 -12.43
C GLN D 46 -4.94 33.60 -11.70
N ILE D 47 -3.82 32.96 -12.14
CA ILE D 47 -3.34 31.71 -11.53
C ILE D 47 -1.89 31.92 -11.03
N ALA D 48 -1.70 31.84 -9.70
CA ALA D 48 -0.39 32.00 -9.06
C ALA D 48 0.21 30.65 -8.76
N VAL D 49 1.41 30.38 -9.32
CA VAL D 49 2.15 29.12 -9.17
C VAL D 49 3.05 29.25 -7.92
N VAL D 50 2.67 28.57 -6.81
CA VAL D 50 3.34 28.65 -5.50
C VAL D 50 4.05 27.33 -5.10
N GLY D 51 5.25 27.47 -4.54
CA GLY D 51 6.01 26.34 -4.02
C GLY D 51 7.34 26.74 -3.42
N GLY D 52 8.11 25.74 -3.03
CA GLY D 52 9.48 25.93 -2.58
C GLY D 52 10.35 25.96 -3.82
N GLN D 53 11.62 26.37 -3.70
CA GLN D 53 12.56 26.42 -4.84
C GLN D 53 12.74 25.02 -5.43
N SER D 54 12.89 24.94 -6.78
CA SER D 54 13.09 23.72 -7.58
C SER D 54 11.88 22.74 -7.49
N ALA D 55 10.69 23.23 -7.08
CA ALA D 55 9.47 22.40 -6.96
C ALA D 55 8.95 21.89 -8.30
N GLY D 56 9.21 22.62 -9.37
CA GLY D 56 8.77 22.29 -10.72
C GLY D 56 7.71 23.26 -11.22
N LYS D 57 7.77 24.51 -10.72
CA LYS D 57 6.85 25.61 -11.04
C LYS D 57 7.02 26.11 -12.47
N SER D 58 8.27 26.48 -12.87
CA SER D 58 8.57 26.98 -14.22
C SER D 58 8.28 25.92 -15.29
N SER D 59 8.45 24.62 -14.95
CA SER D 59 8.20 23.47 -15.83
C SER D 59 6.74 23.42 -16.26
N VAL D 60 5.81 23.83 -15.37
CA VAL D 60 4.37 23.88 -15.63
C VAL D 60 4.10 24.87 -16.77
N LEU D 61 4.74 26.06 -16.70
CA LEU D 61 4.64 27.12 -17.70
C LEU D 61 5.12 26.67 -19.08
N GLU D 62 6.23 25.91 -19.13
CA GLU D 62 6.75 25.38 -20.40
C GLU D 62 5.79 24.30 -20.98
N ASN D 63 5.12 23.51 -20.11
CA ASN D 63 4.18 22.47 -20.55
C ASN D 63 2.88 23.09 -21.05
N PHE D 64 2.46 24.22 -20.45
CA PHE D 64 1.29 25.00 -20.85
C PHE D 64 1.50 25.64 -22.23
N VAL D 65 2.70 26.24 -22.45
CA VAL D 65 3.12 26.90 -23.70
C VAL D 65 3.35 25.85 -24.82
N GLY D 66 3.99 24.75 -24.47
CA GLY D 66 4.31 23.68 -25.41
C GLY D 66 5.68 23.81 -26.03
N ARG D 67 6.49 24.75 -25.51
CA ARG D 67 7.87 25.02 -25.98
C ARG D 67 8.76 25.28 -24.79
N ASP D 68 10.03 24.82 -24.86
CA ASP D 68 11.01 25.12 -23.82
C ASP D 68 11.45 26.57 -24.08
N PHE D 69 11.35 27.43 -23.06
CA PHE D 69 11.64 28.87 -23.22
C PHE D 69 12.11 29.55 -21.92
N LEU D 70 12.27 28.82 -20.79
CA LEU D 70 12.67 29.49 -19.55
C LEU D 70 14.12 29.20 -19.14
N PRO D 71 14.88 30.27 -18.74
CA PRO D 71 16.29 30.05 -18.35
C PRO D 71 16.46 29.29 -17.04
N ARG D 72 17.52 28.46 -16.95
CA ARG D 72 17.87 27.67 -15.76
C ARG D 72 19.39 27.60 -15.55
N THR D 78 13.73 31.15 -10.18
CA THR D 78 12.95 32.38 -10.34
C THR D 78 13.47 33.47 -9.37
N ARG D 79 13.77 34.68 -9.89
CA ARG D 79 14.28 35.85 -9.13
C ARG D 79 13.18 36.93 -9.01
N ARG D 80 12.61 37.34 -10.16
CA ARG D 80 11.52 38.31 -10.32
C ARG D 80 10.26 37.51 -10.66
N PRO D 81 9.01 38.02 -10.43
CA PRO D 81 7.83 37.25 -10.84
C PRO D 81 7.66 37.29 -12.37
N LEU D 82 6.99 36.28 -12.92
CA LEU D 82 6.72 36.25 -14.36
C LEU D 82 5.21 36.17 -14.59
N VAL D 83 4.68 37.15 -15.31
CA VAL D 83 3.25 37.18 -15.65
C VAL D 83 3.14 36.68 -17.09
N LEU D 84 2.84 35.38 -17.23
CA LEU D 84 2.70 34.72 -18.51
C LEU D 84 1.22 34.68 -18.91
N GLN D 85 0.84 35.52 -19.87
CA GLN D 85 -0.52 35.56 -20.38
C GLN D 85 -0.55 34.75 -21.64
N LEU D 86 -1.39 33.71 -21.66
CA LEU D 86 -1.52 32.82 -22.80
C LEU D 86 -2.73 33.21 -23.61
N ILE D 87 -2.56 33.31 -24.94
CA ILE D 87 -3.66 33.69 -25.83
C ILE D 87 -3.79 32.68 -26.98
N THR D 88 -4.93 31.97 -27.05
CA THR D 88 -5.18 31.03 -28.15
C THR D 88 -5.24 31.87 -29.43
N SER D 89 -4.35 31.56 -30.37
CA SER D 89 -4.17 32.30 -31.63
C SER D 89 -3.82 31.36 -32.76
N LYS D 90 -4.16 31.72 -34.01
CA LYS D 90 -3.81 30.89 -35.17
C LYS D 90 -2.30 30.95 -35.37
N ALA D 91 -1.75 32.18 -35.37
CA ALA D 91 -0.31 32.44 -35.50
C ALA D 91 0.38 32.19 -34.16
N GLU D 92 1.63 31.66 -34.20
CA GLU D 92 2.40 31.40 -33.00
C GLU D 92 3.58 32.38 -32.86
N TYR D 93 3.52 33.22 -31.82
CA TYR D 93 4.56 34.21 -31.49
C TYR D 93 4.45 34.63 -30.02
N ALA D 94 5.48 35.32 -29.50
CA ALA D 94 5.54 35.81 -28.13
C ALA D 94 5.76 37.34 -28.10
N GLU D 95 5.14 38.03 -27.13
CA GLU D 95 5.28 39.48 -26.98
C GLU D 95 5.64 39.89 -25.55
N PHE D 96 6.60 40.83 -25.42
CA PHE D 96 7.05 41.40 -24.14
C PHE D 96 6.54 42.84 -24.03
N LEU D 97 6.09 43.24 -22.82
CA LEU D 97 5.58 44.60 -22.58
C LEU D 97 6.66 45.68 -22.71
N HIS D 98 7.88 45.39 -22.22
CA HIS D 98 9.02 46.32 -22.27
C HIS D 98 9.56 46.49 -23.70
N CYS D 99 9.38 45.44 -24.54
CA CYS D 99 9.75 45.44 -25.96
C CYS D 99 8.44 45.58 -26.75
N LYS D 100 7.62 46.60 -26.36
CA LYS D 100 6.30 46.90 -26.94
C LYS D 100 6.39 47.11 -28.46
N GLY D 101 5.90 46.11 -29.21
CA GLY D 101 5.90 46.12 -30.66
C GLY D 101 6.48 44.88 -31.30
N LYS D 102 7.66 44.44 -30.80
CA LYS D 102 8.40 43.28 -31.31
C LYS D 102 7.68 41.95 -31.02
N LYS D 103 7.52 41.15 -32.08
CA LYS D 103 6.91 39.82 -32.07
C LYS D 103 8.04 38.80 -32.16
N PHE D 104 8.16 37.93 -31.15
CA PHE D 104 9.19 36.90 -31.05
C PHE D 104 8.69 35.56 -31.60
N THR D 105 9.43 34.96 -32.55
CA THR D 105 9.05 33.66 -33.15
C THR D 105 10.03 32.54 -32.71
N ASP D 106 11.25 32.91 -32.28
CA ASP D 106 12.28 31.97 -31.83
C ASP D 106 12.22 31.95 -30.30
N PHE D 107 11.78 30.82 -29.70
CA PHE D 107 11.63 30.66 -28.25
C PHE D 107 12.98 30.54 -27.50
N ASP D 108 14.08 30.37 -28.25
CA ASP D 108 15.43 30.39 -27.68
C ASP D 108 15.84 31.87 -27.52
N GLU D 109 15.22 32.78 -28.32
CA GLU D 109 15.43 34.23 -28.26
C GLU D 109 14.54 34.86 -27.19
N VAL D 110 13.44 34.17 -26.83
CA VAL D 110 12.51 34.58 -25.75
C VAL D 110 13.25 34.32 -24.41
N ARG D 111 13.92 33.13 -24.29
CA ARG D 111 14.72 32.72 -23.13
C ARG D 111 15.86 33.73 -22.88
N LEU D 112 16.57 34.16 -23.95
CA LEU D 112 17.66 35.14 -23.87
C LEU D 112 17.20 36.50 -23.35
N GLU D 113 15.96 36.92 -23.71
CA GLU D 113 15.35 38.18 -23.28
C GLU D 113 14.88 38.11 -21.82
N ILE D 114 14.34 36.93 -21.37
CA ILE D 114 13.90 36.73 -19.97
C ILE D 114 15.14 36.85 -19.06
N GLU D 115 16.25 36.23 -19.49
CA GLU D 115 17.56 36.22 -18.85
C GLU D 115 18.12 37.67 -18.75
N ALA D 116 18.10 38.42 -19.87
CA ALA D 116 18.57 39.80 -19.96
C ALA D 116 17.73 40.79 -19.13
N GLU D 117 16.39 40.66 -19.14
CA GLU D 117 15.49 41.57 -18.42
C GLU D 117 15.51 41.35 -16.88
N THR D 118 15.63 40.08 -16.41
CA THR D 118 15.66 39.70 -14.99
C THR D 118 16.71 40.51 -14.20
N ASP D 119 17.93 40.67 -14.76
CA ASP D 119 19.03 41.42 -14.14
C ASP D 119 19.43 42.61 -15.03
N ILE D 128 16.34 39.71 -5.62
CA ILE D 128 14.92 39.49 -5.90
C ILE D 128 14.16 40.83 -5.94
N SER D 129 13.14 40.92 -6.81
CA SER D 129 12.30 42.10 -6.99
C SER D 129 10.84 41.71 -7.15
N SER D 130 9.91 42.65 -6.84
CA SER D 130 8.46 42.43 -6.93
C SER D 130 7.87 42.85 -8.29
N ILE D 131 8.58 43.70 -9.07
CA ILE D 131 8.15 44.14 -10.40
C ILE D 131 8.25 42.93 -11.33
N PRO D 132 7.15 42.54 -12.00
CA PRO D 132 7.21 41.34 -12.84
C PRO D 132 7.56 41.58 -14.31
N ILE D 133 8.13 40.54 -14.95
CA ILE D 133 8.40 40.54 -16.38
C ILE D 133 7.07 40.12 -16.98
N ASN D 134 6.51 40.95 -17.89
CA ASN D 134 5.23 40.65 -18.53
C ASN D 134 5.44 40.08 -19.91
N LEU D 135 4.97 38.85 -20.10
CA LEU D 135 5.10 38.11 -21.34
C LEU D 135 3.74 37.55 -21.80
N ARG D 136 3.42 37.75 -23.08
CA ARG D 136 2.22 37.25 -23.74
C ARG D 136 2.70 36.19 -24.72
N VAL D 137 2.00 35.04 -24.80
CA VAL D 137 2.35 33.97 -25.73
C VAL D 137 1.10 33.59 -26.53
N TYR D 138 1.09 33.98 -27.82
CA TYR D 138 0.02 33.70 -28.78
C TYR D 138 0.35 32.35 -29.42
N SER D 139 -0.54 31.35 -29.25
CA SER D 139 -0.33 29.99 -29.78
C SER D 139 -1.65 29.21 -30.01
N PRO D 140 -1.74 28.27 -31.00
CA PRO D 140 -2.99 27.50 -31.15
C PRO D 140 -3.17 26.38 -30.11
N HIS D 141 -2.07 25.99 -29.43
CA HIS D 141 -2.04 24.88 -28.46
C HIS D 141 -2.22 25.33 -26.98
N VAL D 142 -2.41 26.63 -26.74
CA VAL D 142 -2.61 27.18 -25.38
C VAL D 142 -4.07 27.60 -25.15
N LEU D 143 -4.47 27.76 -23.88
CA LEU D 143 -5.79 28.22 -23.48
C LEU D 143 -5.69 29.68 -22.97
N ASN D 144 -6.80 30.46 -23.00
CA ASN D 144 -6.76 31.86 -22.59
C ASN D 144 -6.67 31.98 -21.05
N LEU D 145 -5.41 32.00 -20.55
CA LEU D 145 -5.10 32.01 -19.11
C LEU D 145 -3.90 32.92 -18.78
N THR D 146 -3.86 33.45 -17.54
CA THR D 146 -2.77 34.27 -17.03
C THR D 146 -2.09 33.50 -15.91
N LEU D 147 -0.78 33.32 -16.03
CA LEU D 147 0.02 32.59 -15.04
C LEU D 147 1.05 33.48 -14.39
N ILE D 148 1.16 33.37 -13.05
CA ILE D 148 2.12 34.13 -12.24
C ILE D 148 3.16 33.15 -11.69
N ASP D 149 4.34 33.14 -12.33
CA ASP D 149 5.46 32.30 -11.91
C ASP D 149 6.16 33.04 -10.79
N LEU D 150 5.77 32.73 -9.56
CA LEU D 150 6.34 33.38 -8.39
C LEU D 150 7.60 32.67 -7.93
N PRO D 151 8.65 33.44 -7.47
CA PRO D 151 9.88 32.78 -6.97
C PRO D 151 9.59 31.79 -5.86
N GLY D 152 10.33 30.68 -5.84
CA GLY D 152 10.16 29.63 -4.84
C GLY D 152 10.75 30.03 -3.51
N ILE D 153 10.04 29.73 -2.43
CA ILE D 153 10.53 30.07 -1.08
C ILE D 153 11.68 29.18 -0.71
N THR D 154 12.71 29.79 -0.12
CA THR D 154 13.92 29.14 0.38
C THR D 154 13.88 29.32 1.89
N LYS D 155 14.88 28.84 2.63
CA LYS D 155 14.89 28.98 4.09
C LYS D 155 16.25 29.49 4.63
N VAL D 156 17.31 29.41 3.79
CA VAL D 156 18.66 29.85 4.15
C VAL D 156 19.24 30.73 3.01
N PRO D 157 19.82 31.93 3.32
CA PRO D 157 20.42 32.76 2.25
C PRO D 157 21.67 32.10 1.64
N VAL D 158 21.80 32.21 0.31
CA VAL D 158 22.88 31.63 -0.47
C VAL D 158 23.71 32.77 -1.07
N GLY D 159 25.01 32.73 -0.81
CA GLY D 159 25.94 33.74 -1.31
C GLY D 159 25.66 35.12 -0.78
N ASP D 160 25.42 36.07 -1.70
CA ASP D 160 25.15 37.49 -1.39
C ASP D 160 23.64 37.80 -1.16
N GLN D 161 22.77 36.76 -1.10
CA GLN D 161 21.32 36.91 -0.87
C GLN D 161 21.03 37.48 0.54
N PRO D 162 19.97 38.34 0.71
CA PRO D 162 19.70 38.93 2.04
C PRO D 162 19.38 37.90 3.12
N PRO D 163 19.73 38.16 4.42
CA PRO D 163 19.40 37.18 5.48
C PRO D 163 17.90 36.89 5.62
N ASP D 164 17.05 37.87 5.27
CA ASP D 164 15.58 37.77 5.38
C ASP D 164 14.92 37.38 4.02
N ILE D 165 15.66 36.65 3.14
CA ILE D 165 15.21 36.24 1.81
C ILE D 165 13.86 35.45 1.84
N GLU D 166 13.70 34.45 2.75
CA GLU D 166 12.49 33.61 2.89
C GLU D 166 11.23 34.48 3.06
N TYR D 167 11.29 35.43 4.01
CA TYR D 167 10.21 36.33 4.38
C TYR D 167 9.99 37.37 3.29
N GLN D 168 11.06 37.72 2.55
CA GLN D 168 10.99 38.64 1.41
C GLN D 168 10.21 37.98 0.27
N ILE D 169 10.47 36.67 0.01
CA ILE D 169 9.77 35.91 -1.04
C ILE D 169 8.30 35.71 -0.61
N ARG D 170 8.07 35.29 0.66
CA ARG D 170 6.73 35.07 1.22
C ARG D 170 5.85 36.31 1.05
N GLU D 171 6.35 37.50 1.45
CA GLU D 171 5.66 38.80 1.34
C GLU D 171 5.25 39.11 -0.12
N MET D 172 6.18 38.83 -1.08
CA MET D 172 5.98 39.05 -2.52
C MET D 172 4.91 38.08 -3.07
N ILE D 173 4.91 36.80 -2.59
CA ILE D 173 3.89 35.78 -2.95
C ILE D 173 2.55 36.23 -2.34
N MET D 174 2.56 36.70 -1.06
CA MET D 174 1.38 37.18 -0.34
C MET D 174 0.67 38.31 -1.07
N GLN D 175 1.40 39.16 -1.82
CA GLN D 175 0.83 40.26 -2.60
C GLN D 175 -0.18 39.76 -3.64
N PHE D 176 0.07 38.56 -4.20
CA PHE D 176 -0.77 37.95 -5.22
C PHE D 176 -1.81 37.00 -4.68
N ILE D 177 -1.44 36.12 -3.71
CA ILE D 177 -2.34 35.09 -3.18
C ILE D 177 -3.35 35.63 -2.11
N THR D 178 -3.24 36.93 -1.72
CA THR D 178 -4.22 37.53 -0.80
C THR D 178 -5.42 38.02 -1.61
N ARG D 179 -5.24 38.18 -2.95
CA ARG D 179 -6.26 38.63 -3.90
C ARG D 179 -7.30 37.53 -4.06
N GLU D 180 -8.57 37.90 -3.85
CA GLU D 180 -9.75 37.04 -3.84
C GLU D 180 -10.01 36.29 -5.15
N ASN D 181 -9.79 36.93 -6.31
CA ASN D 181 -10.03 36.29 -7.61
C ASN D 181 -8.71 35.69 -8.19
N CYS D 182 -7.80 35.27 -7.29
CA CYS D 182 -6.52 34.65 -7.65
C CYS D 182 -6.54 33.17 -7.23
N LEU D 183 -6.46 32.27 -8.23
CA LEU D 183 -6.43 30.84 -8.00
C LEU D 183 -4.98 30.45 -7.62
N ILE D 184 -4.82 29.72 -6.50
CA ILE D 184 -3.51 29.30 -6.01
C ILE D 184 -3.16 27.90 -6.49
N LEU D 185 -2.04 27.79 -7.18
CA LEU D 185 -1.52 26.52 -7.66
C LEU D 185 -0.43 26.07 -6.69
N ALA D 186 -0.80 25.18 -5.73
CA ALA D 186 0.10 24.66 -4.69
C ALA D 186 0.94 23.53 -5.27
N VAL D 187 2.21 23.82 -5.56
CA VAL D 187 3.16 22.90 -6.17
C VAL D 187 4.04 22.21 -5.12
N THR D 188 3.95 20.87 -5.05
CA THR D 188 4.76 20.06 -4.12
C THR D 188 5.38 18.87 -4.86
N PRO D 189 6.73 18.64 -4.74
CA PRO D 189 7.31 17.44 -5.38
C PRO D 189 6.87 16.19 -4.64
N ALA D 190 6.69 15.05 -5.38
CA ALA D 190 6.24 13.78 -4.80
C ALA D 190 7.30 13.11 -3.93
N ASN D 191 8.58 13.32 -4.27
CA ASN D 191 9.72 12.73 -3.55
C ASN D 191 10.04 13.47 -2.22
N THR D 192 9.10 14.32 -1.76
CA THR D 192 9.14 15.00 -0.47
C THR D 192 7.83 14.66 0.27
N ASP D 193 7.86 14.68 1.60
CA ASP D 193 6.66 14.45 2.43
C ASP D 193 5.71 15.67 2.26
N LEU D 194 4.42 15.42 1.90
CA LEU D 194 3.39 16.44 1.66
C LEU D 194 3.13 17.30 2.91
N ALA D 195 3.24 16.74 4.13
CA ALA D 195 3.09 17.51 5.38
C ALA D 195 4.13 18.66 5.50
N ASN D 196 5.27 18.56 4.75
CA ASN D 196 6.38 19.54 4.70
C ASN D 196 6.19 20.59 3.58
N SER D 197 5.07 20.56 2.85
CA SER D 197 4.79 21.47 1.74
C SER D 197 4.69 22.94 2.15
N ASP D 198 5.60 23.74 1.59
CA ASP D 198 5.67 25.19 1.75
C ASP D 198 4.48 25.83 1.04
N ALA D 199 4.15 25.30 -0.16
CA ALA D 199 3.03 25.71 -1.01
C ALA D 199 1.69 25.58 -0.28
N LEU D 200 1.42 24.38 0.29
CA LEU D 200 0.17 24.09 1.01
C LEU D 200 0.04 24.93 2.27
N LYS D 201 1.15 25.15 3.01
CA LYS D 201 1.13 25.98 4.21
C LYS D 201 0.67 27.40 3.80
N LEU D 202 1.36 28.00 2.82
CA LEU D 202 1.08 29.35 2.31
C LEU D 202 -0.34 29.48 1.74
N ALA D 203 -0.83 28.42 1.04
CA ALA D 203 -2.18 28.37 0.47
C ALA D 203 -3.25 28.28 1.54
N LYS D 204 -2.94 27.61 2.67
CA LYS D 204 -3.86 27.43 3.80
C LYS D 204 -3.89 28.70 4.69
N GLU D 205 -2.83 29.52 4.63
CA GLU D 205 -2.72 30.78 5.38
C GLU D 205 -3.65 31.86 4.85
N VAL D 206 -3.96 31.82 3.54
CA VAL D 206 -4.83 32.81 2.88
C VAL D 206 -6.16 32.20 2.46
N ASP D 207 -6.17 30.87 2.29
CA ASP D 207 -7.36 30.12 1.87
C ASP D 207 -7.49 28.86 2.76
N PRO D 208 -7.94 29.03 4.05
CA PRO D 208 -8.06 27.87 4.97
C PRO D 208 -9.11 26.84 4.55
N GLN D 209 -10.16 27.29 3.85
CA GLN D 209 -11.24 26.45 3.36
C GLN D 209 -10.86 25.67 2.10
N GLY D 210 -9.86 26.18 1.37
CA GLY D 210 -9.37 25.57 0.13
C GLY D 210 -10.26 25.85 -1.05
N LEU D 211 -10.93 27.04 -1.04
CA LEU D 211 -11.88 27.46 -2.08
C LEU D 211 -11.22 27.81 -3.42
N ARG D 212 -9.99 28.33 -3.37
CA ARG D 212 -9.26 28.71 -4.59
C ARG D 212 -7.85 28.09 -4.60
N THR D 213 -7.75 26.82 -4.15
CA THR D 213 -6.49 26.09 -4.09
C THR D 213 -6.57 24.77 -4.85
N ILE D 214 -5.70 24.59 -5.84
CA ILE D 214 -5.55 23.34 -6.58
C ILE D 214 -4.15 22.80 -6.28
N GLY D 215 -4.10 21.58 -5.77
CA GLY D 215 -2.84 20.90 -5.47
C GLY D 215 -2.20 20.37 -6.72
N VAL D 216 -0.89 20.63 -6.90
CA VAL D 216 -0.11 20.17 -8.06
C VAL D 216 1.06 19.36 -7.51
N ILE D 217 1.14 18.06 -7.90
CA ILE D 217 2.20 17.16 -7.45
C ILE D 217 3.14 16.84 -8.64
N THR D 218 4.41 17.23 -8.53
CA THR D 218 5.46 17.01 -9.53
C THR D 218 6.38 15.86 -9.07
N LYS D 219 7.30 15.43 -9.95
CA LYS D 219 8.37 14.43 -9.68
C LYS D 219 7.85 13.08 -9.17
N LEU D 220 6.70 12.62 -9.72
CA LEU D 220 6.11 11.31 -9.38
C LEU D 220 6.98 10.17 -9.93
N ASP D 221 7.82 10.47 -10.93
CA ASP D 221 8.79 9.58 -11.54
C ASP D 221 10.07 9.45 -10.68
N LEU D 222 10.27 10.39 -9.71
CA LEU D 222 11.44 10.45 -8.81
C LEU D 222 11.21 9.77 -7.45
N MET D 223 9.99 9.25 -7.23
CA MET D 223 9.61 8.58 -6.00
C MET D 223 10.44 7.31 -5.77
N ASP D 224 10.79 7.06 -4.48
CA ASP D 224 11.56 5.92 -4.00
C ASP D 224 10.85 4.59 -4.35
N GLU D 225 11.63 3.51 -4.53
CA GLU D 225 11.10 2.17 -4.83
C GLU D 225 10.24 1.67 -3.65
N GLY D 226 9.03 1.21 -3.98
CA GLY D 226 8.07 0.72 -3.00
C GLY D 226 7.21 1.80 -2.39
N THR D 227 7.19 3.00 -3.03
CA THR D 227 6.38 4.17 -2.61
C THR D 227 5.56 4.70 -3.79
N ASP D 228 4.50 5.45 -3.47
CA ASP D 228 3.60 6.10 -4.43
C ASP D 228 2.85 7.23 -3.72
N ALA D 229 2.21 8.13 -4.49
CA ALA D 229 1.44 9.24 -3.93
C ALA D 229 -0.08 9.06 -4.19
N ARG D 230 -0.56 7.79 -4.26
CA ARG D 230 -1.98 7.45 -4.48
C ARG D 230 -2.90 8.08 -3.41
N ASP D 231 -2.56 7.97 -2.12
CA ASP D 231 -3.37 8.55 -1.03
C ASP D 231 -3.44 10.10 -1.12
N VAL D 232 -2.40 10.73 -1.69
CA VAL D 232 -2.33 12.18 -1.89
C VAL D 232 -3.28 12.56 -3.05
N LEU D 233 -3.09 11.92 -4.22
CA LEU D 233 -3.84 12.18 -5.46
C LEU D 233 -5.30 11.71 -5.39
N GLU D 234 -5.63 10.83 -4.43
CA GLU D 234 -7.00 10.37 -4.16
C GLU D 234 -7.65 11.31 -3.15
N ASN D 235 -6.96 12.44 -2.82
CA ASN D 235 -7.40 13.50 -1.90
C ASN D 235 -7.68 12.97 -0.46
N LYS D 236 -6.92 11.96 0.02
CA LYS D 236 -7.11 11.33 1.34
C LYS D 236 -6.13 11.79 2.45
N LEU D 237 -4.80 11.92 2.12
CA LEU D 237 -3.78 12.33 3.10
C LEU D 237 -4.05 13.75 3.61
N LEU D 238 -4.05 14.72 2.68
CA LEU D 238 -4.36 16.13 2.97
C LEU D 238 -5.45 16.57 2.01
N PRO D 239 -6.74 16.37 2.38
CA PRO D 239 -7.83 16.73 1.46
C PRO D 239 -7.96 18.21 1.17
N LEU D 240 -8.07 18.55 -0.11
CA LEU D 240 -8.30 19.90 -0.58
C LEU D 240 -9.61 19.87 -1.31
N ARG D 241 -10.46 20.89 -1.08
CA ARG D 241 -11.79 21.03 -1.71
C ARG D 241 -11.72 20.70 -3.20
N ARG D 242 -10.79 21.35 -3.92
CA ARG D 242 -10.56 21.24 -5.36
C ARG D 242 -9.58 20.10 -5.77
N GLY D 243 -9.18 19.27 -4.80
CA GLY D 243 -8.33 18.09 -5.02
C GLY D 243 -6.93 18.33 -5.56
N TYR D 244 -6.27 17.24 -6.03
CA TYR D 244 -4.89 17.26 -6.54
C TYR D 244 -4.77 16.86 -7.99
N VAL D 245 -3.75 17.43 -8.70
CA VAL D 245 -3.43 17.07 -10.08
C VAL D 245 -1.95 16.67 -10.09
N GLY D 246 -1.66 15.48 -10.60
CA GLY D 246 -0.32 14.95 -10.72
C GLY D 246 0.26 15.22 -12.08
N VAL D 247 1.54 15.65 -12.13
CA VAL D 247 2.24 15.96 -13.39
C VAL D 247 3.63 15.26 -13.43
N VAL D 248 4.17 15.03 -14.65
CA VAL D 248 5.51 14.44 -14.86
C VAL D 248 6.23 15.35 -15.87
N ASN D 249 7.12 16.19 -15.34
CA ASN D 249 7.85 17.18 -16.12
C ASN D 249 9.16 16.62 -16.69
N ARG D 250 9.88 17.46 -17.49
CA ARG D 250 11.18 17.17 -18.05
C ARG D 250 12.17 17.07 -16.90
N SER D 251 12.99 16.02 -16.90
CA SER D 251 14.05 15.81 -15.90
C SER D 251 15.22 16.76 -16.24
N GLN D 252 16.34 16.71 -15.48
CA GLN D 252 17.50 17.57 -15.78
C GLN D 252 18.28 17.06 -17.01
N LYS D 253 18.22 15.74 -17.28
CA LYS D 253 18.84 15.16 -18.47
C LYS D 253 18.03 15.56 -19.71
N ASP D 254 16.68 15.55 -19.59
CA ASP D 254 15.74 15.95 -20.66
C ASP D 254 15.91 17.42 -21.06
N ILE D 255 16.20 18.31 -20.09
CA ILE D 255 16.43 19.75 -20.35
C ILE D 255 17.78 19.90 -21.09
N ASP D 256 18.87 19.31 -20.54
CA ASP D 256 20.23 19.33 -21.10
C ASP D 256 20.26 18.71 -22.51
N GLY D 257 19.50 17.63 -22.70
CA GLY D 257 19.35 16.95 -23.99
C GLY D 257 18.34 17.59 -24.91
N LYS D 258 17.80 18.79 -24.51
CA LYS D 258 16.81 19.63 -25.23
C LYS D 258 15.55 18.84 -25.68
N LYS D 259 15.08 17.87 -24.85
CA LYS D 259 13.89 17.06 -25.14
C LYS D 259 12.67 17.97 -25.34
N ASP D 260 11.91 17.70 -26.42
CA ASP D 260 10.70 18.41 -26.86
C ASP D 260 9.58 18.26 -25.80
N ILE D 261 8.75 19.31 -25.61
CA ILE D 261 7.62 19.32 -24.66
C ILE D 261 6.59 18.26 -25.11
N LYS D 262 6.32 18.16 -26.44
CA LYS D 262 5.41 17.17 -27.05
C LYS D 262 5.81 15.77 -26.62
N ALA D 263 7.15 15.48 -26.66
CA ALA D 263 7.75 14.21 -26.27
C ALA D 263 7.63 14.00 -24.74
N ALA D 264 7.77 15.09 -23.92
CA ALA D 264 7.65 15.06 -22.45
C ALA D 264 6.19 14.82 -22.03
N MET D 265 5.22 15.48 -22.73
CA MET D 265 3.78 15.33 -22.48
C MET D 265 3.32 13.93 -22.86
N LEU D 266 3.99 13.31 -23.85
CA LEU D 266 3.69 11.95 -24.27
C LEU D 266 4.19 10.93 -23.23
N ALA D 267 5.38 11.17 -22.63
CA ALA D 267 5.96 10.34 -21.58
C ALA D 267 5.15 10.47 -20.27
N GLU D 268 4.58 11.68 -20.00
CA GLU D 268 3.75 11.93 -18.82
C GLU D 268 2.46 11.11 -18.93
N ARG D 269 1.86 11.08 -20.15
CA ARG D 269 0.63 10.35 -20.48
C ARG D 269 0.81 8.85 -20.28
N LYS D 270 1.89 8.27 -20.86
CA LYS D 270 2.25 6.86 -20.77
C LYS D 270 2.62 6.46 -19.33
N PHE D 271 3.16 7.42 -18.52
CA PHE D 271 3.53 7.19 -17.12
C PHE D 271 2.26 6.92 -16.27
N PHE D 272 1.23 7.78 -16.38
CA PHE D 272 -0.01 7.65 -15.61
C PHE D 272 -0.83 6.44 -16.06
N LEU D 273 -0.83 6.16 -17.39
CA LEU D 273 -1.51 5.01 -18.01
C LEU D 273 -0.86 3.70 -17.57
N SER D 274 0.47 3.71 -17.34
CA SER D 274 1.26 2.53 -16.95
C SER D 274 1.35 2.29 -15.45
N HIS D 275 1.39 3.37 -14.61
CA HIS D 275 1.58 3.23 -13.17
C HIS D 275 0.44 2.46 -12.50
N PRO D 276 0.74 1.30 -11.86
CA PRO D 276 -0.31 0.49 -11.24
C PRO D 276 -1.06 1.19 -10.09
N ALA D 277 -0.48 2.27 -9.53
CA ALA D 277 -1.07 3.01 -8.42
C ALA D 277 -1.82 4.30 -8.86
N TYR D 278 -1.63 4.77 -10.12
CA TYR D 278 -2.27 6.00 -10.65
C TYR D 278 -3.18 5.73 -11.88
N ARG D 279 -3.07 4.52 -12.47
CA ARG D 279 -3.80 3.98 -13.63
C ARG D 279 -5.30 4.31 -13.66
N HIS D 280 -5.99 4.05 -12.53
CA HIS D 280 -7.44 4.24 -12.36
C HIS D 280 -7.87 5.70 -12.42
N ILE D 281 -6.94 6.64 -12.13
CA ILE D 281 -7.21 8.08 -12.12
C ILE D 281 -6.44 8.83 -13.21
N ALA D 282 -5.89 8.12 -14.20
CA ALA D 282 -5.09 8.70 -15.30
C ALA D 282 -5.79 9.87 -16.03
N ASP D 283 -7.15 9.82 -16.19
CA ASP D 283 -7.92 10.89 -16.83
C ASP D 283 -8.14 12.13 -15.92
N ARG D 284 -7.73 12.02 -14.63
CA ARG D 284 -7.75 13.11 -13.64
C ARG D 284 -6.30 13.62 -13.46
N MET D 285 -5.34 12.95 -14.13
CA MET D 285 -3.91 13.23 -14.03
C MET D 285 -3.33 13.82 -15.30
N GLY D 286 -2.19 14.49 -15.14
CA GLY D 286 -1.47 15.10 -16.24
C GLY D 286 -1.73 16.59 -16.35
N THR D 287 -0.76 17.29 -16.97
CA THR D 287 -0.79 18.75 -17.19
C THR D 287 -1.89 19.14 -18.20
N PRO D 288 -2.14 18.44 -19.36
CA PRO D 288 -3.25 18.87 -20.24
C PRO D 288 -4.61 18.91 -19.51
N HIS D 289 -4.82 17.98 -18.54
CA HIS D 289 -6.02 17.95 -17.69
C HIS D 289 -5.99 19.13 -16.72
N LEU D 290 -4.80 19.45 -16.14
CA LEU D 290 -4.62 20.60 -15.24
C LEU D 290 -4.99 21.90 -16.00
N GLN D 291 -4.55 22.01 -17.28
CA GLN D 291 -4.85 23.15 -18.16
C GLN D 291 -6.38 23.29 -18.36
N LYS D 292 -7.05 22.12 -18.57
CA LYS D 292 -8.50 21.99 -18.76
C LYS D 292 -9.28 22.41 -17.50
N VAL D 293 -8.75 22.06 -16.31
CA VAL D 293 -9.36 22.38 -15.01
C VAL D 293 -9.29 23.90 -14.77
N LEU D 294 -8.10 24.52 -14.96
CA LEU D 294 -7.88 25.96 -14.80
C LEU D 294 -8.67 26.79 -15.84
N ASN D 295 -9.04 26.17 -16.97
CA ASN D 295 -9.83 26.78 -18.05
C ASN D 295 -11.30 26.89 -17.62
N GLN D 296 -11.90 25.75 -17.19
CA GLN D 296 -13.30 25.61 -16.73
C GLN D 296 -13.67 26.65 -15.66
N GLN D 297 -12.77 26.90 -14.69
CA GLN D 297 -12.94 27.85 -13.59
C GLN D 297 -12.97 29.29 -14.10
#